data_5JWQ
#
_entry.id   5JWQ
#
_cell.length_a   155.920
_cell.length_b   155.920
_cell.length_c   155.920
_cell.angle_alpha   90.00
_cell.angle_beta   90.00
_cell.angle_gamma   90.00
#
_symmetry.space_group_name_H-M   'P 21 3'
#
loop_
_entity.id
_entity.type
_entity.pdbx_description
1 polymer 'Circadian clock protein kinase KaiC'
2 polymer 'Circadian clock protein KaiB'
3 non-polymer "ADENOSINE-5'-DIPHOSPHATE"
#
loop_
_entity_poly.entity_id
_entity_poly.type
_entity_poly.pdbx_seq_one_letter_code
_entity_poly.pdbx_strand_id
1 'polypeptide(L)'
;DYKDDDDKMTNLPEHQSSPTEQSSAEVKKIPTMIEGFDDISHGGLPQGRTTLVSGTSGTGKTLFAVQFLYNGITIFNEPG
IFVTFEESPQDIIKNALSFGWNLQSLIDQGKLFILDASPDPDGQEVAGDFDLSALIERIQYAIRKYKATRVSIDSVTAVF
QQYDAASVVRREIFRLAFRLKQLGVTTIMTTERVDEYGPVARFGVEEFVSDNVVILRNVLEGERRRRTVEILKLRGTTHM
KGEYPFTINNGINIFPLGAMRLTQRSSNVRVSSGVKTLDEMCGGGFFKDSIILATGATGTGKTLLVSKFLETGCQQGERA
LLFAYEESRAQLSRNASSWGIDFEELERRGLLRIICAYPESAGLEDHLQIIKSEIADFKPSRVAIDSLSALARGVSNNAF
RQFVIGVTGFAKQEEITGFFTNTTDQFMGSNSITESHIETITDTILLLQYVEIRGEMSRAINVFKMRGSWHDKGIREYVI
TEKGAEIRDSFRNFEGIISGTPTRISVDEKTELARIAKGMQDLESE
;
A,C
2 'polypeptide(L)'
;MAPLRKTAVLKLYVAGNTPNSVRALKTLNNILEKEFKGVYALKVIDVLKNPQLAEEDKILATPTLAKVLPPPVRRIIGDL
SNREKVLAGLDLLAEEIGD
;
B,D
#
# COMPACT_ATOMS: atom_id res chain seq x y z
N VAL A 27 32.07 13.67 -23.62
CA VAL A 27 31.17 13.04 -22.66
C VAL A 27 30.58 14.09 -21.73
N LYS A 28 29.29 13.95 -21.39
CA LYS A 28 28.56 14.97 -20.64
C LYS A 28 27.97 14.38 -19.35
N LYS A 29 27.54 15.23 -18.41
CA LYS A 29 26.92 14.77 -17.17
C LYS A 29 26.19 15.91 -16.44
N ILE A 30 25.12 15.59 -15.70
CA ILE A 30 24.39 16.61 -14.91
C ILE A 30 24.00 16.14 -13.50
N PRO A 31 24.29 16.97 -12.47
CA PRO A 31 23.95 16.71 -11.06
C PRO A 31 22.44 16.59 -10.77
N THR A 32 22.05 15.82 -9.76
CA THR A 32 20.67 15.80 -9.30
C THR A 32 20.52 16.08 -7.79
N MET A 33 21.44 15.53 -7.02
CA MET A 33 21.46 15.58 -5.55
C MET A 33 20.21 15.04 -4.86
N ILE A 34 19.65 13.97 -5.43
CA ILE A 34 18.67 13.17 -4.71
C ILE A 34 19.50 12.47 -3.63
N GLU A 35 18.98 12.38 -2.41
CA GLU A 35 19.79 11.93 -1.28
C GLU A 35 20.44 10.57 -1.54
N GLY A 36 21.66 10.62 -2.07
CA GLY A 36 22.46 9.42 -2.23
C GLY A 36 22.39 8.69 -3.56
N PHE A 37 21.66 9.25 -4.55
CA PHE A 37 21.62 8.64 -5.87
C PHE A 37 22.80 9.04 -6.76
N ASP A 38 23.19 10.30 -6.69
CA ASP A 38 24.15 10.89 -7.63
C ASP A 38 25.51 10.20 -7.67
N ASP A 39 25.93 9.69 -6.53
CA ASP A 39 27.29 9.16 -6.43
C ASP A 39 27.34 7.81 -7.12
N ILE A 40 26.19 7.14 -7.22
CA ILE A 40 26.11 5.92 -8.00
C ILE A 40 26.25 6.29 -9.48
N SER A 41 25.62 7.39 -9.90
CA SER A 41 25.75 7.83 -11.28
C SER A 41 27.02 8.67 -11.46
N HIS A 42 27.75 8.83 -10.36
CA HIS A 42 29.07 9.44 -10.34
C HIS A 42 29.07 10.90 -10.81
N GLY A 43 27.91 11.53 -10.75
CA GLY A 43 27.77 12.91 -11.20
C GLY A 43 26.40 13.17 -11.78
N GLY A 44 25.50 12.21 -11.62
CA GLY A 44 24.12 12.38 -12.05
C GLY A 44 23.79 11.90 -13.44
N LEU A 45 22.67 12.41 -13.97
CA LEU A 45 22.12 11.98 -15.26
C LEU A 45 22.92 12.47 -16.45
N PRO A 46 22.77 11.79 -17.60
CA PRO A 46 23.34 12.32 -18.85
C PRO A 46 22.66 13.63 -19.25
N GLN A 47 23.32 14.42 -20.08
CA GLN A 47 22.75 15.69 -20.53
C GLN A 47 22.51 15.66 -22.03
N GLY A 48 21.43 16.30 -22.48
CA GLY A 48 21.10 16.31 -23.90
C GLY A 48 20.69 14.93 -24.37
N ARG A 49 20.41 14.04 -23.41
CA ARG A 49 20.06 12.66 -23.70
C ARG A 49 18.80 12.25 -22.94
N THR A 50 18.06 11.32 -23.50
CA THR A 50 16.79 10.91 -22.91
C THR A 50 16.94 9.76 -21.89
N THR A 51 16.51 10.06 -20.67
CA THR A 51 16.58 9.12 -19.58
C THR A 51 15.20 8.55 -19.29
N LEU A 52 15.09 7.22 -19.36
CA LEU A 52 13.85 6.52 -19.11
C LEU A 52 13.90 5.87 -17.73
N VAL A 53 12.84 6.03 -16.96
CA VAL A 53 12.75 5.42 -15.63
C VAL A 53 11.54 4.48 -15.57
N SER A 54 11.77 3.21 -15.27
CA SER A 54 10.67 2.23 -15.29
C SER A 54 10.56 1.45 -13.99
N GLY A 55 9.34 1.19 -13.57
CA GLY A 55 9.11 0.36 -12.39
C GLY A 55 7.68 -0.13 -12.33
N THR A 56 7.43 -1.15 -11.51
CA THR A 56 6.08 -1.62 -11.27
C THR A 56 5.27 -0.52 -10.57
N SER A 57 3.95 -0.55 -10.72
CA SER A 57 3.10 0.50 -10.16
C SER A 57 3.21 0.54 -8.64
N GLY A 58 3.49 1.72 -8.11
CA GLY A 58 3.58 1.90 -6.67
C GLY A 58 4.99 2.01 -6.10
N THR A 59 5.94 2.42 -6.92
CA THR A 59 7.33 2.52 -6.48
C THR A 59 7.92 3.92 -6.56
N GLY A 60 7.07 4.92 -6.74
CA GLY A 60 7.51 6.31 -6.70
C GLY A 60 8.33 6.78 -7.90
N LYS A 61 7.91 6.40 -9.10
CA LYS A 61 8.52 6.91 -10.32
C LYS A 61 8.19 8.40 -10.50
N THR A 62 6.90 8.70 -10.49
CA THR A 62 6.41 10.08 -10.57
C THR A 62 7.08 10.94 -9.51
N LEU A 63 7.19 10.37 -8.31
CA LEU A 63 7.83 11.04 -7.18
C LEU A 63 9.29 11.34 -7.52
N PHE A 64 9.96 10.38 -8.15
CA PHE A 64 11.34 10.57 -8.55
C PHE A 64 11.47 11.75 -9.51
N ALA A 65 10.52 11.84 -10.44
CA ALA A 65 10.52 12.93 -11.40
C ALA A 65 10.34 14.27 -10.68
N VAL A 66 9.30 14.35 -9.85
CA VAL A 66 8.99 15.54 -9.06
C VAL A 66 10.21 16.02 -8.27
N GLN A 67 10.70 15.16 -7.38
CA GLN A 67 11.88 15.46 -6.56
C GLN A 67 13.12 15.85 -7.36
N PHE A 68 13.32 15.16 -8.48
CA PHE A 68 14.39 15.51 -9.42
C PHE A 68 14.32 16.96 -9.82
N LEU A 69 13.19 17.31 -10.41
CA LEU A 69 13.04 18.64 -10.95
C LEU A 69 12.98 19.72 -9.85
N TYR A 70 12.56 19.33 -8.66
CA TYR A 70 12.40 20.30 -7.58
C TYR A 70 13.79 20.60 -7.00
N ASN A 71 14.63 19.57 -6.95
CA ASN A 71 16.04 19.77 -6.65
C ASN A 71 16.64 20.72 -7.67
N GLY A 72 16.36 20.45 -8.95
CA GLY A 72 16.85 21.29 -10.03
C GLY A 72 16.53 22.77 -9.87
N ILE A 73 15.25 23.09 -9.77
CA ILE A 73 14.83 24.49 -9.69
C ILE A 73 15.19 25.15 -8.36
N THR A 74 15.20 24.38 -7.27
CA THR A 74 15.45 24.98 -5.96
C THR A 74 16.94 25.26 -5.77
N ILE A 75 17.78 24.34 -6.23
CA ILE A 75 19.22 24.47 -6.01
C ILE A 75 19.93 25.13 -7.19
N PHE A 76 19.62 24.69 -8.40
CA PHE A 76 20.35 25.15 -9.58
C PHE A 76 19.58 26.24 -10.31
N ASN A 77 18.34 26.47 -9.89
CA ASN A 77 17.39 27.27 -10.66
C ASN A 77 17.43 26.77 -12.10
N GLU A 78 17.30 25.45 -12.25
CA GLU A 78 17.18 24.83 -13.55
C GLU A 78 15.70 24.58 -13.79
N PRO A 79 15.03 25.55 -14.44
CA PRO A 79 13.57 25.58 -14.62
C PRO A 79 13.04 24.27 -15.18
N GLY A 80 11.83 23.91 -14.79
CA GLY A 80 11.33 22.61 -15.17
C GLY A 80 9.95 22.44 -15.76
N ILE A 81 9.80 21.38 -16.54
CA ILE A 81 8.48 21.05 -17.05
C ILE A 81 8.01 19.68 -16.61
N PHE A 82 6.91 19.61 -15.86
CA PHE A 82 6.39 18.31 -15.46
C PHE A 82 5.18 17.95 -16.32
N VAL A 83 5.37 16.97 -17.19
CA VAL A 83 4.31 16.53 -18.10
C VAL A 83 3.56 15.37 -17.44
N THR A 84 2.23 15.47 -17.37
CA THR A 84 1.45 14.41 -16.73
C THR A 84 0.30 13.89 -17.59
N PHE A 85 0.31 12.59 -17.85
CA PHE A 85 -0.81 11.93 -18.52
C PHE A 85 -1.75 11.34 -17.47
N GLU A 86 -1.23 10.47 -16.61
CA GLU A 86 -2.05 9.85 -15.57
C GLU A 86 -2.72 10.83 -14.63
N GLU A 87 -1.93 11.70 -14.03
CA GLU A 87 -2.43 12.50 -12.92
C GLU A 87 -3.01 13.86 -13.31
N SER A 88 -3.82 14.40 -12.40
CA SER A 88 -4.36 15.74 -12.52
C SER A 88 -3.48 16.65 -11.65
N PRO A 89 -3.12 17.83 -12.18
CA PRO A 89 -2.24 18.82 -11.54
C PRO A 89 -2.52 19.06 -10.06
N GLN A 90 -3.78 19.36 -9.80
CA GLN A 90 -4.28 19.70 -8.49
C GLN A 90 -3.95 18.58 -7.50
N ASP A 91 -4.06 17.35 -7.99
CA ASP A 91 -3.70 16.13 -7.25
C ASP A 91 -2.19 15.82 -7.27
N ILE A 92 -1.43 16.37 -8.21
CA ILE A 92 0.02 16.17 -8.18
C ILE A 92 0.65 17.16 -7.20
N ILE A 93 0.04 18.33 -7.07
CA ILE A 93 0.51 19.33 -6.12
C ILE A 93 0.11 18.88 -4.74
N LYS A 94 -1.09 18.33 -4.60
CA LYS A 94 -1.52 17.78 -3.32
C LYS A 94 -0.75 16.50 -2.99
N ASN A 95 -0.31 15.79 -4.02
CA ASN A 95 0.71 14.76 -3.88
C ASN A 95 1.97 15.32 -3.22
N ALA A 96 2.67 16.19 -3.94
CA ALA A 96 3.99 16.65 -3.54
C ALA A 96 3.98 17.43 -2.23
N LEU A 97 2.85 18.04 -1.91
CA LEU A 97 2.69 18.84 -0.71
C LEU A 97 2.77 17.99 0.57
N SER A 98 2.77 16.67 0.40
CA SER A 98 2.87 15.74 1.53
C SER A 98 4.23 15.79 2.21
N PHE A 99 5.27 16.02 1.42
CA PHE A 99 6.64 16.02 1.90
C PHE A 99 7.11 17.42 2.31
N GLY A 100 6.19 18.37 2.29
CA GLY A 100 6.50 19.75 2.66
C GLY A 100 7.06 20.61 1.55
N TRP A 101 6.50 20.46 0.35
CA TRP A 101 6.89 21.31 -0.76
C TRP A 101 5.65 22.04 -1.29
N ASN A 102 5.67 23.37 -1.23
CA ASN A 102 4.53 24.18 -1.67
C ASN A 102 4.90 24.77 -3.03
N LEU A 103 4.18 24.38 -4.08
CA LEU A 103 4.65 24.70 -5.41
C LEU A 103 3.93 25.84 -6.14
N GLN A 104 2.61 25.84 -6.17
CA GLN A 104 1.88 26.79 -7.03
C GLN A 104 2.12 28.27 -6.68
N SER A 105 2.20 28.56 -5.39
CA SER A 105 2.50 29.91 -4.96
C SER A 105 3.92 30.27 -5.38
N LEU A 106 4.83 29.31 -5.21
CA LEU A 106 6.20 29.48 -5.65
C LEU A 106 6.25 29.34 -7.20
N ILE A 107 5.30 28.60 -7.79
CA ILE A 107 5.24 28.47 -9.25
C ILE A 107 4.98 29.85 -9.84
N ASP A 108 4.26 30.70 -9.11
CA ASP A 108 4.09 32.07 -9.57
C ASP A 108 5.44 32.80 -9.78
N GLN A 109 6.51 32.28 -9.19
CA GLN A 109 7.87 32.84 -9.37
C GLN A 109 8.42 32.60 -10.76
N GLY A 110 7.74 31.70 -11.47
CA GLY A 110 8.22 31.22 -12.73
C GLY A 110 8.99 29.92 -12.52
N LYS A 111 8.67 29.20 -11.45
CA LYS A 111 9.15 27.84 -11.12
C LYS A 111 9.16 26.82 -12.26
N LEU A 112 8.42 25.74 -12.00
CA LEU A 112 8.25 24.63 -12.92
C LEU A 112 6.86 24.77 -13.56
N PHE A 113 6.72 24.28 -14.80
CA PHE A 113 5.41 24.34 -15.46
C PHE A 113 4.86 22.95 -15.70
N ILE A 114 3.66 22.71 -15.19
CA ILE A 114 3.00 21.43 -15.36
C ILE A 114 2.12 21.40 -16.60
N LEU A 115 2.61 20.73 -17.64
CA LEU A 115 1.83 20.53 -18.85
C LEU A 115 0.73 19.53 -18.52
N ASP A 116 -0.53 19.96 -18.69
CA ASP A 116 -1.66 19.09 -18.41
C ASP A 116 -1.97 18.21 -19.62
N ALA A 117 -1.62 16.94 -19.51
CA ALA A 117 -1.95 15.97 -20.53
C ALA A 117 -2.89 14.91 -19.95
N SER A 118 -3.57 15.27 -18.87
CA SER A 118 -4.58 14.40 -18.29
C SER A 118 -5.66 14.17 -19.33
N PRO A 119 -6.21 12.95 -19.38
CA PRO A 119 -7.21 12.62 -20.39
C PRO A 119 -8.52 13.37 -20.25
N ASP A 120 -9.08 13.83 -21.37
CA ASP A 120 -10.45 14.32 -21.40
C ASP A 120 -11.35 13.20 -20.92
N PRO A 121 -12.00 13.39 -19.76
CA PRO A 121 -12.85 12.37 -19.12
C PRO A 121 -13.92 11.81 -20.04
N ASP A 122 -14.40 12.66 -20.93
CA ASP A 122 -15.40 12.27 -21.92
C ASP A 122 -14.78 11.30 -22.90
N GLY A 123 -13.45 11.22 -22.87
CA GLY A 123 -12.73 10.25 -23.68
C GLY A 123 -12.75 10.85 -25.07
N GLN A 124 -12.15 10.19 -26.04
CA GLN A 124 -12.23 10.75 -27.37
C GLN A 124 -12.61 9.74 -28.45
N GLU A 125 -13.19 10.26 -29.52
CA GLU A 125 -13.55 9.47 -30.68
C GLU A 125 -12.55 9.73 -31.81
N VAL A 126 -12.49 8.79 -32.74
CA VAL A 126 -11.48 8.81 -33.77
C VAL A 126 -12.13 8.72 -35.14
N ALA A 127 -11.67 9.56 -36.06
CA ALA A 127 -12.16 9.55 -37.42
C ALA A 127 -10.98 9.39 -38.35
N GLY A 128 -9.83 9.13 -37.74
CA GLY A 128 -8.59 8.92 -38.46
C GLY A 128 -7.41 8.93 -37.50
N ASP A 129 -6.21 8.72 -38.02
CA ASP A 129 -5.03 8.67 -37.16
C ASP A 129 -4.47 10.06 -36.88
N PHE A 130 -3.67 10.14 -35.82
CA PHE A 130 -3.15 11.42 -35.35
C PHE A 130 -1.62 11.45 -35.33
N ASP A 131 -1.06 12.62 -35.61
CA ASP A 131 0.34 12.89 -35.24
C ASP A 131 0.40 13.86 -34.06
N LEU A 132 0.95 13.39 -32.94
CA LEU A 132 0.89 14.12 -31.68
C LEU A 132 1.79 15.35 -31.69
N SER A 133 1.72 16.13 -32.77
CA SER A 133 2.53 17.32 -32.90
C SER A 133 2.11 18.35 -31.86
N ALA A 134 0.81 18.42 -31.59
CA ALA A 134 0.27 19.36 -30.62
C ALA A 134 1.04 19.30 -29.29
N LEU A 135 1.21 18.09 -28.77
CA LEU A 135 1.86 17.88 -27.48
C LEU A 135 3.32 18.31 -27.49
N ILE A 136 4.11 17.77 -28.43
CA ILE A 136 5.54 18.05 -28.48
C ILE A 136 5.83 19.53 -28.72
N GLU A 137 5.10 20.14 -29.65
CA GLU A 137 5.26 21.56 -29.91
C GLU A 137 4.85 22.38 -28.68
N ARG A 138 3.81 21.91 -27.99
CA ARG A 138 3.37 22.56 -26.76
C ARG A 138 4.49 22.53 -25.72
N ILE A 139 5.13 21.37 -25.61
CA ILE A 139 6.26 21.17 -24.71
C ILE A 139 7.35 22.18 -25.04
N GLN A 140 7.68 22.31 -26.33
CA GLN A 140 8.85 23.12 -26.67
C GLN A 140 8.55 24.62 -26.57
N TYR A 141 7.29 25.01 -26.74
CA TYR A 141 6.96 26.41 -26.44
C TYR A 141 7.07 26.63 -24.94
N ALA A 142 6.56 25.66 -24.18
CA ALA A 142 6.59 25.76 -22.72
C ALA A 142 8.04 25.93 -22.25
N ILE A 143 8.94 25.17 -22.84
CA ILE A 143 10.35 25.24 -22.52
C ILE A 143 10.91 26.60 -22.90
N ARG A 144 10.70 27.00 -24.15
CA ARG A 144 11.33 28.21 -24.68
C ARG A 144 10.73 29.47 -24.05
N LYS A 145 9.65 29.29 -23.31
CA LYS A 145 9.06 30.34 -22.49
C LYS A 145 9.65 30.32 -21.08
N TYR A 146 9.81 29.12 -20.53
CA TYR A 146 10.24 28.94 -19.14
C TYR A 146 11.75 28.81 -18.95
N LYS A 147 12.52 28.97 -20.03
CA LYS A 147 13.99 28.90 -20.00
C LYS A 147 14.47 27.53 -19.55
N ALA A 148 13.57 26.56 -19.52
CA ALA A 148 13.81 25.29 -18.86
C ALA A 148 14.96 24.51 -19.46
N THR A 149 15.76 23.88 -18.60
CA THR A 149 16.81 22.99 -19.07
C THR A 149 16.50 21.57 -18.60
N ARG A 150 15.45 21.43 -17.79
CA ARG A 150 15.06 20.12 -17.29
C ARG A 150 13.55 19.87 -17.39
N VAL A 151 13.20 18.69 -17.91
CA VAL A 151 11.79 18.32 -18.05
C VAL A 151 11.57 16.84 -17.73
N SER A 152 10.57 16.56 -16.89
CA SER A 152 10.18 15.19 -16.60
C SER A 152 8.82 14.89 -17.23
N ILE A 153 8.59 13.60 -17.49
CA ILE A 153 7.40 13.13 -18.20
C ILE A 153 6.85 11.87 -17.54
N ASP A 154 5.64 11.96 -16.98
CA ASP A 154 5.07 10.91 -16.17
C ASP A 154 4.16 9.92 -16.93
N SER A 155 4.64 8.69 -17.07
CA SER A 155 3.85 7.54 -17.50
C SER A 155 3.45 7.59 -18.99
N VAL A 156 4.35 7.09 -19.84
CA VAL A 156 4.09 6.96 -21.27
C VAL A 156 3.18 5.77 -21.60
N THR A 157 3.26 4.71 -20.80
CA THR A 157 2.39 3.55 -21.01
C THR A 157 0.93 3.96 -20.96
N ALA A 158 0.64 4.99 -20.18
CA ALA A 158 -0.72 5.52 -20.12
C ALA A 158 -1.10 6.10 -21.47
N VAL A 159 -0.11 6.67 -22.17
CA VAL A 159 -0.33 7.19 -23.51
C VAL A 159 -0.58 6.02 -24.45
N PHE A 160 0.04 4.88 -24.18
CA PHE A 160 -0.27 3.69 -24.97
C PHE A 160 -1.65 3.15 -24.62
N GLN A 161 -2.08 3.36 -23.37
CA GLN A 161 -3.41 2.96 -22.93
C GLN A 161 -4.40 4.12 -22.98
N GLN A 162 -3.94 5.25 -23.51
CA GLN A 162 -4.81 6.38 -23.77
C GLN A 162 -5.34 6.19 -25.17
N TYR A 163 -4.42 6.20 -26.14
CA TYR A 163 -4.78 5.92 -27.53
C TYR A 163 -4.54 4.43 -27.81
N ASP A 164 -5.58 3.74 -28.29
CA ASP A 164 -5.49 2.30 -28.51
C ASP A 164 -4.74 1.92 -29.78
N ALA A 165 -4.01 2.88 -30.33
CA ALA A 165 -3.17 2.64 -31.50
C ALA A 165 -1.72 2.56 -31.04
N ALA A 166 -1.21 1.35 -30.91
CA ALA A 166 0.12 1.12 -30.36
C ALA A 166 1.22 1.35 -31.40
N SER A 167 0.81 1.66 -32.62
CA SER A 167 1.74 1.94 -33.71
C SER A 167 2.44 3.29 -33.53
N VAL A 168 1.66 4.36 -33.69
CA VAL A 168 2.20 5.72 -33.81
C VAL A 168 2.87 6.27 -32.56
N VAL A 169 2.29 6.00 -31.39
CA VAL A 169 2.79 6.57 -30.13
C VAL A 169 4.28 6.26 -29.92
N ARG A 170 4.71 5.08 -30.36
CA ARG A 170 6.13 4.75 -30.43
C ARG A 170 6.88 5.83 -31.22
N ARG A 171 6.43 6.07 -32.46
CA ARG A 171 7.08 6.99 -33.38
C ARG A 171 7.15 8.42 -32.82
N GLU A 172 6.06 8.86 -32.20
CA GLU A 172 5.98 10.27 -31.79
C GLU A 172 6.59 10.52 -30.42
N ILE A 173 6.65 9.47 -29.61
CA ILE A 173 7.43 9.53 -28.38
C ILE A 173 8.89 9.61 -28.80
N PHE A 174 9.24 8.84 -29.83
CA PHE A 174 10.60 8.88 -30.37
C PHE A 174 10.95 10.27 -30.89
N ARG A 175 10.01 10.93 -31.59
CA ARG A 175 10.30 12.24 -32.12
C ARG A 175 10.40 13.25 -30.98
N LEU A 176 9.64 13.02 -29.92
CA LEU A 176 9.77 13.83 -28.69
C LEU A 176 11.18 13.72 -28.10
N ALA A 177 11.56 12.50 -27.73
CA ALA A 177 12.84 12.26 -27.08
C ALA A 177 13.99 12.78 -27.95
N PHE A 178 13.87 12.58 -29.27
CA PHE A 178 14.89 13.08 -30.18
C PHE A 178 14.93 14.60 -30.17
N ARG A 179 13.77 15.24 -30.12
CA ARG A 179 13.71 16.69 -30.10
C ARG A 179 14.40 17.21 -28.86
N LEU A 180 14.13 16.57 -27.73
CA LEU A 180 14.78 16.90 -26.47
C LEU A 180 16.29 16.71 -26.51
N LYS A 181 16.75 15.72 -27.25
CA LYS A 181 18.19 15.51 -27.40
C LYS A 181 18.80 16.64 -28.21
N GLN A 182 18.07 17.09 -29.23
CA GLN A 182 18.44 18.26 -30.02
C GLN A 182 18.55 19.51 -29.14
N LEU A 183 17.48 19.81 -28.39
CA LEU A 183 17.46 20.98 -27.50
C LEU A 183 18.49 20.88 -26.37
N GLY A 184 19.04 19.68 -26.17
CA GLY A 184 20.10 19.49 -25.19
C GLY A 184 19.61 19.49 -23.77
N VAL A 185 18.30 19.54 -23.57
CA VAL A 185 17.71 19.55 -22.23
C VAL A 185 17.81 18.17 -21.57
N THR A 186 17.92 18.15 -20.24
CA THR A 186 17.82 16.89 -19.49
C THR A 186 16.36 16.50 -19.40
N THR A 187 16.04 15.26 -19.74
CA THR A 187 14.66 14.83 -19.70
C THR A 187 14.50 13.47 -19.03
N ILE A 188 13.33 13.23 -18.47
CA ILE A 188 13.06 11.98 -17.75
C ILE A 188 11.73 11.39 -18.23
N MET A 189 11.66 10.07 -18.37
CA MET A 189 10.41 9.41 -18.70
C MET A 189 10.09 8.33 -17.68
N THR A 190 8.83 8.27 -17.26
CA THR A 190 8.40 7.26 -16.31
C THR A 190 7.50 6.27 -17.04
N THR A 191 7.67 4.98 -16.76
CA THR A 191 6.87 3.94 -17.38
C THR A 191 6.68 2.72 -16.48
N GLU A 192 5.60 1.99 -16.72
CA GLU A 192 5.22 0.85 -15.88
C GLU A 192 6.02 -0.40 -16.19
N GLY A 198 5.76 -7.43 -13.69
CA GLY A 198 6.76 -8.23 -13.02
C GLY A 198 8.14 -7.58 -13.06
N PRO A 199 8.63 -7.14 -11.89
CA PRO A 199 9.88 -6.39 -11.71
C PRO A 199 11.11 -7.00 -12.39
N VAL A 200 11.82 -7.86 -11.67
CA VAL A 200 13.10 -8.42 -12.15
C VAL A 200 13.01 -9.12 -13.50
N ALA A 201 11.95 -9.89 -13.71
CA ALA A 201 11.77 -10.62 -14.96
C ALA A 201 11.34 -9.70 -16.09
N ARG A 202 11.45 -10.20 -17.32
CA ARG A 202 11.22 -9.46 -18.58
C ARG A 202 10.65 -8.05 -18.41
N PHE A 203 11.55 -7.09 -18.19
CA PHE A 203 11.11 -5.74 -17.87
C PHE A 203 11.73 -4.70 -18.78
N GLY A 204 10.93 -4.27 -19.75
CA GLY A 204 11.29 -3.25 -20.72
C GLY A 204 9.96 -2.62 -21.03
N VAL A 205 8.98 -3.06 -20.26
CA VAL A 205 7.59 -2.61 -20.33
C VAL A 205 6.96 -2.85 -21.70
N GLU A 206 7.16 -1.89 -22.60
CA GLU A 206 6.46 -1.88 -23.88
C GLU A 206 7.04 -0.72 -24.70
N GLU A 207 7.77 0.15 -24.01
CA GLU A 207 8.42 1.28 -24.65
C GLU A 207 9.94 1.17 -24.55
N PHE A 208 10.55 0.65 -25.60
CA PHE A 208 12.00 0.45 -25.64
C PHE A 208 12.63 1.83 -25.86
N VAL A 209 12.51 2.30 -27.09
CA VAL A 209 12.81 3.67 -27.53
C VAL A 209 13.54 4.71 -26.66
N SER A 210 14.41 4.32 -25.73
CA SER A 210 15.17 5.37 -25.03
C SER A 210 16.67 5.11 -24.90
N ASP A 211 17.40 6.10 -24.39
CA ASP A 211 18.86 6.11 -24.51
C ASP A 211 19.66 5.98 -23.21
N ASN A 212 18.99 6.05 -22.07
CA ASN A 212 19.62 5.61 -20.81
C ASN A 212 18.57 5.29 -19.76
N VAL A 213 18.72 4.18 -19.05
CA VAL A 213 17.59 3.60 -18.32
C VAL A 213 17.86 3.28 -16.84
N VAL A 214 17.01 3.84 -15.99
CA VAL A 214 16.94 3.51 -14.57
C VAL A 214 15.71 2.65 -14.31
N ILE A 215 15.89 1.51 -13.65
CA ILE A 215 14.77 0.64 -13.29
C ILE A 215 14.58 0.54 -11.77
N LEU A 216 13.48 1.10 -11.27
CA LEU A 216 13.15 1.06 -9.84
C LEU A 216 12.20 -0.10 -9.54
N ARG A 217 12.67 -1.10 -8.82
CA ARG A 217 11.83 -2.25 -8.51
C ARG A 217 11.63 -2.39 -7.00
N ASN A 218 10.44 -2.72 -6.52
CA ASN A 218 10.41 -3.11 -5.12
C ASN A 218 10.00 -4.56 -5.07
N VAL A 219 10.86 -5.37 -4.45
CA VAL A 219 10.67 -6.81 -4.41
C VAL A 219 9.97 -7.20 -3.11
N LEU A 220 9.19 -8.27 -3.18
CA LEU A 220 8.45 -8.78 -2.03
C LEU A 220 8.96 -10.15 -1.65
N GLU A 221 9.56 -10.27 -0.47
CA GLU A 221 10.08 -11.57 -0.08
C GLU A 221 9.56 -11.96 1.29
N GLY A 222 9.17 -13.22 1.43
CA GLY A 222 8.59 -13.70 2.65
C GLY A 222 7.26 -13.00 2.86
N GLU A 223 7.30 -11.93 3.65
CA GLU A 223 6.16 -11.06 3.86
C GLU A 223 6.70 -9.66 4.21
N ARG A 224 7.67 -9.21 3.41
CA ARG A 224 8.09 -7.81 3.50
C ARG A 224 8.59 -7.25 2.18
N ARG A 225 8.85 -5.94 2.20
CA ARG A 225 9.02 -5.16 0.98
C ARG A 225 10.31 -4.38 0.96
N ARG A 226 11.08 -4.58 -0.11
CA ARG A 226 12.36 -3.92 -0.24
C ARG A 226 12.34 -3.06 -1.48
N ARG A 227 12.42 -1.75 -1.28
CA ARG A 227 12.41 -0.81 -2.39
C ARG A 227 13.83 -0.65 -2.87
N THR A 228 14.10 -0.94 -4.13
CA THR A 228 15.48 -0.83 -4.58
C THR A 228 15.60 -0.20 -5.96
N VAL A 229 16.77 0.36 -6.22
CA VAL A 229 17.06 0.94 -7.52
C VAL A 229 18.13 0.14 -8.25
N GLU A 230 17.82 -0.24 -9.48
CA GLU A 230 18.79 -0.84 -10.39
C GLU A 230 19.06 0.13 -11.52
N ILE A 231 20.33 0.30 -11.85
CA ILE A 231 20.70 0.97 -13.08
C ILE A 231 21.38 -0.05 -13.97
N LEU A 232 20.75 -0.40 -15.10
CA LEU A 232 21.24 -1.48 -15.92
C LEU A 232 22.54 -0.97 -16.47
N LYS A 233 22.46 0.13 -17.21
CA LYS A 233 23.64 0.88 -17.58
C LYS A 233 23.24 2.26 -18.11
N LEU A 234 24.17 3.19 -18.02
CA LEU A 234 24.00 4.52 -18.58
C LEU A 234 24.94 4.58 -19.78
N ARG A 235 24.36 4.81 -20.96
CA ARG A 235 25.08 4.55 -22.20
C ARG A 235 26.08 5.63 -22.57
N GLY A 236 27.33 5.22 -22.68
CA GLY A 236 28.44 6.12 -22.99
C GLY A 236 28.85 6.94 -21.78
N THR A 237 28.70 6.37 -20.58
CA THR A 237 28.98 7.09 -19.35
C THR A 237 29.12 6.17 -18.14
N THR A 238 30.04 6.49 -17.24
CA THR A 238 30.13 5.90 -15.92
C THR A 238 28.78 5.66 -15.24
N HIS A 239 28.66 4.51 -14.59
CA HIS A 239 27.41 4.05 -13.98
C HIS A 239 27.86 3.19 -12.81
N MET A 240 27.02 3.04 -11.79
CA MET A 240 27.40 2.16 -10.68
C MET A 240 26.97 0.72 -10.92
N LYS A 241 27.81 -0.20 -10.47
CA LYS A 241 27.61 -1.62 -10.73
C LYS A 241 26.60 -2.26 -9.81
N GLY A 242 25.37 -2.35 -10.27
CA GLY A 242 24.39 -3.21 -9.64
C GLY A 242 23.21 -2.47 -9.05
N GLU A 243 22.41 -3.22 -8.32
CA GLU A 243 21.20 -2.72 -7.69
C GLU A 243 21.31 -2.57 -6.15
N TYR A 244 20.72 -1.50 -5.63
CA TYR A 244 20.86 -1.12 -4.22
C TYR A 244 19.56 -0.55 -3.63
N PRO A 245 19.18 -1.02 -2.43
CA PRO A 245 17.88 -0.76 -1.81
C PRO A 245 17.74 0.70 -1.41
N PHE A 246 16.50 1.21 -1.33
CA PHE A 246 16.28 2.61 -0.94
C PHE A 246 14.97 2.78 -0.18
N THR A 247 14.83 3.91 0.51
CA THR A 247 13.53 4.23 1.10
C THR A 247 13.23 5.71 0.89
N ILE A 248 12.06 6.14 1.31
CA ILE A 248 11.63 7.51 1.02
C ILE A 248 11.55 8.33 2.31
N ASN A 249 11.87 9.61 2.18
CA ASN A 249 11.61 10.59 3.23
C ASN A 249 11.07 11.84 2.53
N ASN A 250 11.44 13.02 3.00
CA ASN A 250 11.15 14.22 2.22
C ASN A 250 12.15 14.28 1.05
N GLY A 251 11.78 13.60 -0.04
CA GLY A 251 12.70 13.26 -1.10
C GLY A 251 13.15 11.83 -0.93
N ILE A 252 13.57 11.19 -2.02
CA ILE A 252 14.01 9.79 -1.99
C ILE A 252 15.43 9.66 -1.47
N ASN A 253 15.65 8.73 -0.54
CA ASN A 253 16.99 8.49 -0.02
C ASN A 253 17.51 7.06 -0.19
N ILE A 254 18.79 6.92 -0.53
CA ILE A 254 19.61 5.84 0.02
C ILE A 254 21.09 6.21 -0.08
N PHE A 255 21.93 5.76 0.85
CA PHE A 255 23.37 5.93 0.71
C PHE A 255 24.07 4.58 0.92
N PRO A 256 24.36 3.86 -0.18
CA PRO A 256 25.06 2.57 -0.11
C PRO A 256 26.54 2.68 0.24
N LEU A 257 27.34 2.62 -0.82
CA LEU A 257 28.79 2.84 -0.82
C LEU A 257 29.34 3.76 0.27
N GLY A 258 30.27 3.22 1.05
CA GLY A 258 31.06 4.02 1.97
C GLY A 258 32.45 4.09 1.38
N ALA A 259 33.46 4.23 2.23
CA ALA A 259 34.86 4.23 1.79
C ALA A 259 35.14 5.26 0.69
N SER A 273 33.29 1.03 28.89
CA SER A 273 32.19 1.31 29.82
C SER A 273 32.36 2.70 30.45
N GLY A 274 33.07 2.73 31.58
CA GLY A 274 33.26 3.94 32.35
C GLY A 274 33.23 3.46 33.79
N VAL A 275 32.16 2.75 34.09
CA VAL A 275 31.91 2.17 35.39
C VAL A 275 32.31 0.70 35.42
N LYS A 276 31.98 0.03 36.51
CA LYS A 276 32.32 -1.39 36.69
C LYS A 276 33.83 -1.53 36.75
N THR A 277 34.32 -2.76 36.67
CA THR A 277 35.74 -3.01 36.68
C THR A 277 36.32 -2.54 35.32
N LEU A 278 35.45 -1.96 34.51
CA LEU A 278 35.74 -1.20 33.28
C LEU A 278 36.94 -1.64 32.43
N ASP A 279 38.14 -1.20 32.80
CA ASP A 279 39.26 -1.27 31.88
C ASP A 279 40.31 -2.18 32.47
N GLU A 280 40.19 -2.43 33.78
CA GLU A 280 40.96 -3.46 34.48
C GLU A 280 41.06 -4.68 33.58
N MET A 281 39.90 -5.10 33.10
CA MET A 281 39.80 -6.22 32.18
C MET A 281 40.21 -5.85 30.76
N CYS A 282 40.25 -4.55 30.44
CA CYS A 282 40.47 -4.13 29.06
C CYS A 282 41.82 -3.45 28.83
N GLY A 283 42.41 -2.87 29.87
CA GLY A 283 43.75 -2.32 29.78
C GLY A 283 43.83 -0.81 29.65
N ASP A 289 36.58 4.54 17.52
CA ASP A 289 36.26 3.19 17.98
C ASP A 289 35.33 2.51 17.00
N SER A 290 35.57 1.24 16.71
CA SER A 290 34.68 0.51 15.82
C SER A 290 33.65 -0.25 16.65
N ILE A 291 33.21 0.38 17.75
CA ILE A 291 32.03 -0.06 18.51
C ILE A 291 32.26 -1.35 19.30
N ILE A 292 31.51 -1.52 20.38
CA ILE A 292 31.68 -2.71 21.22
C ILE A 292 30.59 -3.73 20.90
N LEU A 293 30.91 -5.00 21.12
CA LEU A 293 29.98 -6.09 20.90
C LEU A 293 29.77 -6.91 22.15
N ALA A 294 28.51 -7.04 22.57
CA ALA A 294 28.17 -7.96 23.63
C ALA A 294 27.41 -9.13 23.02
N THR A 295 28.12 -10.23 22.78
CA THR A 295 27.49 -11.41 22.22
C THR A 295 27.38 -12.42 23.33
N GLY A 296 26.16 -12.89 23.59
CA GLY A 296 25.95 -13.71 24.75
C GLY A 296 24.72 -14.58 24.74
N ALA A 297 24.75 -15.64 25.54
CA ALA A 297 23.59 -16.51 25.71
C ALA A 297 22.42 -15.73 26.28
N THR A 298 21.20 -16.11 25.87
CA THR A 298 19.95 -15.46 26.28
C THR A 298 19.99 -14.96 27.72
N GLY A 299 19.46 -13.76 27.93
CA GLY A 299 19.56 -13.14 29.23
C GLY A 299 21.00 -12.68 29.34
N THR A 300 21.49 -12.10 28.25
CA THR A 300 22.88 -11.67 28.14
C THR A 300 23.25 -10.60 29.15
N GLY A 301 22.25 -10.08 29.85
CA GLY A 301 22.43 -9.05 30.86
C GLY A 301 23.33 -7.89 30.45
N LYS A 302 23.65 -7.82 29.17
CA LYS A 302 24.38 -6.71 28.58
C LYS A 302 23.68 -5.42 28.92
N THR A 303 22.37 -5.52 29.15
CA THR A 303 21.52 -4.43 29.59
C THR A 303 22.18 -3.60 30.67
N LEU A 304 22.85 -4.30 31.60
CA LEU A 304 23.65 -3.67 32.64
C LEU A 304 24.73 -2.81 32.00
N LEU A 305 25.54 -3.48 31.18
CA LEU A 305 26.76 -2.92 30.64
C LEU A 305 26.49 -1.70 29.77
N VAL A 306 25.44 -1.74 28.95
CA VAL A 306 25.08 -0.59 28.14
C VAL A 306 24.38 0.51 28.95
N SER A 307 23.61 0.10 29.96
CA SER A 307 22.83 1.06 30.74
C SER A 307 23.77 2.00 31.46
N LYS A 308 24.76 1.45 32.14
CA LYS A 308 25.66 2.37 32.83
C LYS A 308 26.89 2.65 31.95
N PHE A 309 26.95 2.03 30.77
CA PHE A 309 27.89 2.52 29.74
C PHE A 309 27.51 3.93 29.37
N LEU A 310 26.21 4.15 29.24
CA LEU A 310 25.72 5.46 28.85
C LEU A 310 25.51 6.37 30.05
N GLU A 311 25.12 5.79 31.18
CA GLU A 311 24.84 6.59 32.38
C GLU A 311 26.06 7.41 32.82
N THR A 312 27.23 6.77 32.91
CA THR A 312 28.49 7.48 33.10
C THR A 312 28.66 8.56 32.05
N GLY A 313 28.27 8.25 30.81
CA GLY A 313 28.36 9.20 29.71
C GLY A 313 27.62 10.47 30.07
N CYS A 314 26.41 10.32 30.61
CA CYS A 314 25.63 11.46 31.05
C CYS A 314 26.31 12.18 32.22
N GLN A 315 26.91 11.40 33.11
CA GLN A 315 27.70 11.94 34.21
C GLN A 315 28.80 12.91 33.75
N GLN A 316 29.65 12.44 32.83
CA GLN A 316 30.78 13.23 32.34
C GLN A 316 30.34 14.39 31.44
N GLY A 317 29.10 14.35 30.98
CA GLY A 317 28.56 15.45 30.20
C GLY A 317 28.48 15.29 28.69
N GLU A 318 29.13 14.27 28.14
CA GLU A 318 29.01 14.03 26.70
C GLU A 318 27.58 13.59 26.40
N ARG A 319 27.17 13.73 25.15
CA ARG A 319 25.76 13.58 24.79
C ARG A 319 25.49 12.11 24.57
N ALA A 320 24.40 11.60 25.13
CA ALA A 320 24.04 10.20 24.91
C ALA A 320 22.62 10.08 24.35
N LEU A 321 22.31 8.94 23.75
CA LEU A 321 20.98 8.71 23.19
C LEU A 321 20.58 7.27 23.39
N LEU A 322 19.27 7.03 23.42
CA LEU A 322 18.73 5.68 23.54
C LEU A 322 18.21 5.21 22.19
N PHE A 323 18.51 3.95 21.87
CA PHE A 323 18.00 3.30 20.68
C PHE A 323 17.70 1.84 20.99
N ALA A 324 16.53 1.58 21.56
CA ALA A 324 16.16 0.23 21.98
C ALA A 324 15.00 -0.34 21.17
N TYR A 325 15.16 -1.57 20.72
CA TYR A 325 14.12 -2.26 19.97
C TYR A 325 13.66 -3.54 20.66
N GLU A 326 13.11 -3.40 21.86
CA GLU A 326 12.62 -4.56 22.61
C GLU A 326 11.64 -4.17 23.69
N GLU A 327 12.09 -4.29 24.94
CA GLU A 327 11.22 -4.19 26.10
C GLU A 327 10.58 -2.81 26.22
N SER A 328 9.35 -2.79 26.74
CA SER A 328 8.63 -1.55 27.01
C SER A 328 9.50 -0.79 28.01
N ARG A 329 9.80 0.48 27.74
CA ARG A 329 10.96 1.10 28.37
C ARG A 329 10.77 1.42 29.86
N ALA A 330 9.57 1.11 30.37
CA ALA A 330 9.35 1.06 31.80
C ALA A 330 10.12 -0.13 32.35
N GLN A 331 9.94 -1.29 31.73
CA GLN A 331 10.64 -2.49 32.18
C GLN A 331 12.12 -2.32 31.81
N LEU A 332 12.40 -1.56 30.76
CA LEU A 332 13.79 -1.24 30.41
C LEU A 332 14.47 -0.52 31.56
N SER A 333 13.73 0.35 32.26
CA SER A 333 14.38 1.00 33.38
C SER A 333 13.67 0.73 34.70
N ARG A 334 13.23 -0.51 34.87
CA ARG A 334 12.93 -1.05 36.18
C ARG A 334 13.83 -2.26 36.27
N ASN A 335 14.29 -2.67 35.11
CA ASN A 335 15.40 -3.60 34.99
C ASN A 335 16.63 -2.73 35.15
N ALA A 336 16.52 -1.47 34.72
CA ALA A 336 17.56 -0.50 35.06
C ALA A 336 17.28 0.14 36.43
N SER A 337 16.00 0.31 36.81
CA SER A 337 15.75 0.81 38.17
C SER A 337 15.93 -0.29 39.21
N SER A 338 16.38 -1.45 38.77
CA SER A 338 16.76 -2.50 39.71
C SER A 338 18.21 -2.26 40.13
N TRP A 339 18.92 -1.49 39.31
CA TRP A 339 20.32 -1.16 39.58
C TRP A 339 20.40 -0.01 40.58
N GLY A 340 19.31 0.74 40.70
CA GLY A 340 19.27 1.88 41.60
C GLY A 340 19.55 3.18 40.88
N ILE A 341 19.81 3.08 39.59
CA ILE A 341 20.01 4.28 38.77
C ILE A 341 18.70 5.03 38.54
N ASP A 342 18.80 6.19 37.93
CA ASP A 342 17.67 7.10 37.79
C ASP A 342 17.46 7.57 36.35
N PHE A 343 16.97 6.68 35.46
CA PHE A 343 16.78 7.07 34.06
C PHE A 343 15.77 8.18 33.80
N GLU A 344 14.57 8.10 34.33
CA GLU A 344 13.59 9.18 34.09
C GLU A 344 14.10 10.45 34.74
N GLU A 345 14.99 10.29 35.71
CA GLU A 345 15.64 11.42 36.34
C GLU A 345 16.93 11.73 35.59
N LEU A 346 17.43 10.74 34.84
CA LEU A 346 18.60 10.99 34.02
C LEU A 346 18.25 11.86 32.83
N GLU A 347 16.96 11.90 32.46
CA GLU A 347 16.55 12.69 31.30
C GLU A 347 15.67 13.89 31.65
N ARG A 348 16.31 14.98 32.07
CA ARG A 348 15.63 16.27 32.16
C ARG A 348 15.48 16.87 30.77
N ARG A 349 15.17 16.01 29.80
CA ARG A 349 15.25 16.33 28.37
C ARG A 349 16.61 16.92 28.00
N GLY A 350 16.70 17.43 26.77
CA GLY A 350 17.92 18.05 26.25
C GLY A 350 19.19 17.27 26.58
N LEU A 351 19.11 15.95 26.49
CA LEU A 351 20.18 15.08 26.95
C LEU A 351 20.09 13.68 26.33
N LEU A 352 18.93 13.05 26.46
CA LEU A 352 18.65 11.77 25.83
C LEU A 352 17.23 11.75 25.27
N ARG A 353 16.95 10.78 24.41
CA ARG A 353 15.62 10.56 23.85
C ARG A 353 15.40 9.05 23.72
N ILE A 354 14.14 8.62 23.78
CA ILE A 354 13.84 7.19 23.73
C ILE A 354 12.89 6.86 22.60
N ILE A 355 11.62 6.69 22.98
CA ILE A 355 10.57 6.07 22.16
C ILE A 355 11.11 4.82 21.43
N CYS A 356 10.84 3.67 22.02
CA CYS A 356 11.32 2.40 21.48
C CYS A 356 10.55 2.05 20.21
N ALA A 357 11.04 1.04 19.50
CA ALA A 357 10.42 0.61 18.25
C ALA A 357 10.58 -0.89 18.03
N TYR A 358 9.46 -1.60 17.92
CA TYR A 358 9.48 -3.03 17.67
C TYR A 358 10.04 -3.34 16.30
N PRO A 359 11.12 -4.13 16.25
CA PRO A 359 11.85 -4.51 15.04
C PRO A 359 10.98 -4.94 13.87
N GLU A 360 10.14 -5.94 14.11
CA GLU A 360 9.26 -6.50 13.08
C GLU A 360 8.27 -5.45 12.51
N SER A 361 7.88 -4.46 13.30
CA SER A 361 6.91 -3.46 12.84
C SER A 361 7.43 -2.55 11.72
N ALA A 362 8.73 -2.58 11.48
CA ALA A 362 9.33 -1.73 10.45
C ALA A 362 10.43 -2.46 9.69
N GLY A 363 10.61 -2.09 8.42
CA GLY A 363 11.69 -2.65 7.65
C GLY A 363 13.01 -2.16 8.23
N LEU A 364 14.04 -2.98 8.08
CA LEU A 364 15.35 -2.74 8.70
C LEU A 364 16.06 -1.41 8.35
N GLU A 365 16.16 -1.06 7.07
CA GLU A 365 16.94 0.13 6.71
C GLU A 365 16.16 1.42 6.93
N ASP A 366 14.88 1.28 7.27
CA ASP A 366 14.09 2.42 7.68
C ASP A 366 14.37 2.71 9.14
N HIS A 367 14.65 1.65 9.90
CA HIS A 367 15.18 1.79 11.25
C HIS A 367 16.52 2.49 11.11
N LEU A 368 17.32 2.03 10.14
CA LEU A 368 18.61 2.63 9.85
C LEU A 368 18.46 4.13 9.61
N GLN A 369 17.42 4.55 8.91
CA GLN A 369 17.21 5.97 8.68
C GLN A 369 16.72 6.71 9.94
N ILE A 370 15.82 6.06 10.68
CA ILE A 370 15.33 6.62 11.93
C ILE A 370 16.50 7.03 12.83
N ILE A 371 17.44 6.12 13.03
CA ILE A 371 18.57 6.44 13.89
C ILE A 371 19.61 7.29 13.17
N LYS A 372 19.68 7.18 11.84
CA LYS A 372 20.54 8.05 11.06
C LYS A 372 20.26 9.53 11.32
N SER A 373 18.99 9.90 11.29
CA SER A 373 18.67 11.31 11.43
C SER A 373 18.27 11.63 12.87
N GLU A 374 18.26 10.60 13.71
CA GLU A 374 18.20 10.81 15.15
C GLU A 374 19.57 11.33 15.58
N ILE A 375 20.57 10.51 15.30
CA ILE A 375 21.95 10.82 15.65
C ILE A 375 22.39 12.07 14.88
N ALA A 376 21.76 12.32 13.74
CA ALA A 376 22.01 13.57 13.04
C ALA A 376 21.29 14.76 13.68
N ASP A 377 20.10 14.54 14.24
CA ASP A 377 19.35 15.67 14.80
C ASP A 377 19.95 16.14 16.14
N PHE A 378 20.49 15.21 16.93
CA PHE A 378 20.76 15.52 18.33
C PHE A 378 22.25 15.34 18.67
N LYS A 379 23.01 14.91 17.68
CA LYS A 379 24.45 14.62 17.78
C LYS A 379 24.97 14.03 19.11
N PRO A 380 24.57 12.81 19.47
CA PRO A 380 25.19 12.08 20.58
C PRO A 380 26.70 11.89 20.44
N SER A 381 27.40 11.92 21.57
CA SER A 381 28.76 11.41 21.66
C SER A 381 28.80 9.88 21.67
N ARG A 382 28.01 9.27 22.57
CA ARG A 382 28.07 7.83 22.81
C ARG A 382 26.69 7.20 22.96
N VAL A 383 26.40 6.18 22.14
CA VAL A 383 25.12 5.49 22.19
C VAL A 383 25.23 3.97 22.09
N ALA A 384 24.15 3.26 22.41
CA ALA A 384 24.15 1.81 22.40
C ALA A 384 22.91 1.28 21.68
N ILE A 385 23.03 0.11 21.05
CA ILE A 385 21.91 -0.48 20.30
C ILE A 385 21.45 -1.84 20.87
N ASP A 386 20.14 -1.91 21.08
CA ASP A 386 19.45 -3.06 21.66
C ASP A 386 19.07 -4.21 20.74
N SER A 387 19.43 -5.42 21.14
CA SER A 387 18.95 -6.66 20.54
C SER A 387 19.13 -6.79 19.03
N LEU A 388 20.38 -6.84 18.60
CA LEU A 388 20.70 -7.12 17.20
C LEU A 388 20.11 -8.48 16.83
N SER A 389 19.94 -9.32 17.84
CA SER A 389 19.34 -10.65 17.71
C SER A 389 18.03 -10.71 16.92
N ALA A 390 17.16 -9.73 17.12
CA ALA A 390 15.86 -9.74 16.47
C ALA A 390 16.04 -9.51 14.97
N LEU A 391 17.00 -8.66 14.66
CA LEU A 391 17.33 -8.32 13.28
C LEU A 391 18.16 -9.44 12.65
N ALA A 392 18.72 -10.30 13.50
CA ALA A 392 19.54 -11.41 13.02
C ALA A 392 18.71 -12.52 12.40
N ARG A 393 17.42 -12.59 12.73
CA ARG A 393 16.57 -13.63 12.17
C ARG A 393 15.24 -13.02 11.70
N GLY A 394 14.59 -13.70 10.77
CA GLY A 394 13.46 -13.14 10.04
C GLY A 394 13.97 -12.42 8.81
N VAL A 395 15.28 -12.49 8.60
CA VAL A 395 15.94 -11.72 7.55
C VAL A 395 17.08 -12.51 6.91
N SER A 396 17.15 -12.48 5.58
CA SER A 396 18.25 -13.14 4.88
C SER A 396 19.54 -12.45 5.32
N ASN A 397 20.51 -13.23 5.76
CA ASN A 397 21.60 -12.68 6.58
C ASN A 397 22.53 -11.74 5.81
N ASN A 398 22.28 -11.61 4.51
CA ASN A 398 23.06 -10.70 3.69
C ASN A 398 22.43 -9.32 3.80
N ALA A 399 21.15 -9.30 4.16
CA ALA A 399 20.44 -8.07 4.45
C ALA A 399 20.87 -7.55 5.82
N PHE A 400 20.96 -8.48 6.78
CA PHE A 400 21.25 -8.14 8.15
C PHE A 400 22.70 -7.65 8.24
N ARG A 401 23.57 -8.28 7.46
CA ARG A 401 24.98 -7.89 7.49
C ARG A 401 25.28 -6.67 6.62
N GLN A 402 24.60 -6.55 5.47
CA GLN A 402 24.52 -5.26 4.77
C GLN A 402 24.27 -4.17 5.82
N PHE A 403 23.18 -4.31 6.56
CA PHE A 403 22.78 -3.37 7.61
C PHE A 403 23.90 -3.10 8.62
N VAL A 404 24.45 -4.18 9.20
CA VAL A 404 25.40 -4.01 10.29
C VAL A 404 26.70 -3.37 9.81
N ILE A 405 27.08 -3.61 8.56
CA ILE A 405 28.25 -2.96 7.98
C ILE A 405 27.93 -1.48 7.80
N GLY A 406 26.70 -1.20 7.39
CA GLY A 406 26.25 0.17 7.24
C GLY A 406 26.39 0.97 8.51
N VAL A 407 25.65 0.55 9.55
CA VAL A 407 25.69 1.25 10.83
C VAL A 407 27.07 1.29 11.46
N THR A 408 27.80 0.17 11.40
CA THR A 408 29.12 0.12 12.00
C THR A 408 30.01 1.15 11.31
N GLY A 409 29.96 1.16 9.99
CA GLY A 409 30.71 2.13 9.20
C GLY A 409 30.36 3.56 9.53
N PHE A 410 29.08 3.85 9.70
CA PHE A 410 28.67 5.23 9.97
C PHE A 410 29.18 5.68 11.34
N ALA A 411 28.97 4.84 12.35
CA ALA A 411 29.40 5.15 13.71
C ALA A 411 30.92 5.21 13.89
N LYS A 412 31.64 4.28 13.28
CA LYS A 412 33.08 4.18 13.45
C LYS A 412 33.80 5.43 12.95
N GLN A 413 33.38 5.96 11.80
CA GLN A 413 33.98 7.19 11.34
C GLN A 413 32.95 8.28 11.12
N GLU A 414 32.31 8.63 12.22
CA GLU A 414 31.83 9.97 12.49
C GLU A 414 32.36 10.13 13.90
N GLU A 415 33.29 9.22 14.20
CA GLU A 415 33.97 9.10 15.49
C GLU A 415 33.01 9.17 16.66
N ILE A 416 31.84 8.56 16.46
CA ILE A 416 30.85 8.36 17.50
C ILE A 416 31.06 6.99 18.12
N THR A 417 30.89 6.89 19.43
CA THR A 417 31.15 5.63 20.11
C THR A 417 29.85 4.88 20.29
N GLY A 418 29.89 3.59 19.96
CA GLY A 418 28.69 2.78 19.92
C GLY A 418 28.81 1.44 20.62
N PHE A 419 27.69 0.96 21.14
CA PHE A 419 27.65 -0.37 21.72
C PHE A 419 26.61 -1.20 20.99
N PHE A 420 26.75 -2.53 21.03
CA PHE A 420 25.79 -3.39 20.37
C PHE A 420 25.52 -4.67 21.16
N THR A 421 24.28 -4.91 21.56
CA THR A 421 23.98 -6.19 22.22
C THR A 421 23.34 -7.22 21.28
N ASN A 422 23.70 -8.49 21.45
CA ASN A 422 22.93 -9.57 20.83
C ASN A 422 23.08 -10.95 21.49
N THR A 423 21.99 -11.72 21.34
CA THR A 423 21.84 -13.00 22.01
C THR A 423 22.03 -14.17 21.04
N THR A 424 22.71 -15.21 21.49
CA THR A 424 22.96 -16.38 20.68
C THR A 424 21.95 -17.46 21.07
N ASP A 425 21.94 -18.59 20.37
CA ASP A 425 20.90 -19.59 20.59
C ASP A 425 21.17 -20.43 21.84
N THR A 434 28.72 -14.46 17.62
CA THR A 434 27.40 -14.62 17.03
C THR A 434 27.35 -15.86 16.14
N GLU A 435 26.22 -16.55 16.15
CA GLU A 435 26.06 -17.77 15.37
C GLU A 435 25.69 -17.44 13.93
N SER A 436 25.71 -16.15 13.62
CA SER A 436 25.58 -15.68 12.25
C SER A 436 26.98 -15.67 11.66
N HIS A 437 27.94 -15.95 12.54
CA HIS A 437 29.31 -16.36 12.21
C HIS A 437 30.19 -15.17 11.87
N ILE A 438 29.57 -14.07 11.43
CA ILE A 438 30.31 -12.90 10.97
C ILE A 438 31.40 -12.46 11.96
N GLU A 439 32.63 -12.38 11.46
CA GLU A 439 33.78 -12.03 12.29
C GLU A 439 34.20 -10.59 12.03
N THR A 440 35.45 -10.42 11.58
CA THR A 440 35.97 -9.12 11.16
C THR A 440 35.72 -7.98 12.15
N ILE A 441 35.51 -6.79 11.59
CA ILE A 441 35.32 -5.51 12.28
C ILE A 441 34.62 -5.52 13.66
N THR A 442 34.14 -6.68 14.10
CA THR A 442 33.77 -6.85 15.51
C THR A 442 34.99 -6.54 16.37
N ASP A 443 34.90 -5.52 17.21
CA ASP A 443 35.99 -5.22 18.15
C ASP A 443 35.94 -6.03 19.42
N THR A 444 35.42 -5.41 20.46
CA THR A 444 35.42 -5.98 21.79
C THR A 444 34.19 -6.84 21.95
N ILE A 445 34.41 -8.08 22.35
CA ILE A 445 33.32 -9.02 22.56
C ILE A 445 33.41 -9.58 23.97
N LEU A 446 32.29 -10.11 24.46
CA LEU A 446 32.21 -10.54 25.86
C LEU A 446 31.13 -11.59 26.05
N ARG A 454 31.20 -26.74 41.38
CA ARG A 454 30.29 -27.30 42.38
C ARG A 454 28.85 -26.90 42.08
N GLY A 455 28.13 -27.78 41.41
CA GLY A 455 26.73 -27.55 41.08
C GLY A 455 26.50 -26.41 40.12
N GLU A 456 25.85 -25.36 40.62
CA GLU A 456 25.47 -24.19 39.82
C GLU A 456 26.66 -23.48 39.19
N MET A 457 26.36 -22.56 38.26
CA MET A 457 27.38 -21.70 37.68
C MET A 457 26.76 -20.34 37.36
N SER A 458 27.54 -19.27 37.55
CA SER A 458 27.03 -17.93 37.35
C SER A 458 27.50 -17.41 36.00
N ARG A 459 27.05 -16.21 35.64
CA ARG A 459 27.53 -15.59 34.41
C ARG A 459 28.95 -15.07 34.57
N ALA A 460 29.73 -15.18 33.51
CA ALA A 460 31.09 -14.68 33.53
C ALA A 460 31.49 -14.18 32.15
N ILE A 461 31.26 -12.90 31.89
CA ILE A 461 31.77 -12.28 30.68
C ILE A 461 33.26 -11.97 30.84
N ASN A 462 34.06 -12.33 29.83
CA ASN A 462 35.41 -11.81 29.68
C ASN A 462 35.87 -11.79 28.22
N VAL A 463 36.90 -11.00 27.97
CA VAL A 463 37.35 -10.68 26.61
C VAL A 463 38.48 -11.50 26.02
N PHE A 464 38.46 -11.60 24.70
CA PHE A 464 39.59 -12.12 23.94
C PHE A 464 40.62 -10.98 23.84
N LYS A 465 40.36 -10.02 22.96
CA LYS A 465 41.30 -8.92 22.72
C LYS A 465 40.62 -7.65 22.23
N MET A 466 41.37 -6.53 22.25
CA MET A 466 40.88 -5.25 21.77
C MET A 466 42.00 -4.48 21.08
N ARG A 467 41.62 -3.63 20.12
CA ARG A 467 42.53 -2.70 19.46
C ARG A 467 43.60 -3.47 18.68
N GLY A 468 44.82 -3.50 19.22
CA GLY A 468 45.81 -4.46 18.77
C GLY A 468 46.49 -5.24 19.88
N SER A 469 46.18 -4.89 21.13
CA SER A 469 46.70 -5.60 22.30
C SER A 469 46.05 -5.16 23.61
N TRP A 470 46.58 -5.70 24.70
CA TRP A 470 46.21 -5.47 26.11
C TRP A 470 44.74 -5.74 26.45
N HIS A 471 44.56 -6.02 27.75
CA HIS A 471 43.34 -6.45 28.44
C HIS A 471 43.67 -7.68 29.27
N ASP A 472 42.66 -8.48 29.60
CA ASP A 472 42.89 -9.80 30.15
C ASP A 472 42.58 -10.81 29.06
N LYS A 473 43.47 -11.78 28.85
CA LYS A 473 43.19 -12.84 27.89
C LYS A 473 42.32 -13.86 28.61
N GLY A 474 42.80 -14.29 29.77
CA GLY A 474 42.13 -15.33 30.55
C GLY A 474 40.87 -14.76 31.16
N ILE A 475 39.89 -15.62 31.40
CA ILE A 475 38.63 -15.19 31.98
C ILE A 475 38.79 -14.88 33.48
N ARG A 476 37.75 -15.15 34.25
CA ARG A 476 37.81 -14.95 35.69
C ARG A 476 38.36 -16.21 36.36
N GLU A 477 39.62 -16.50 36.06
CA GLU A 477 40.28 -17.72 36.53
C GLU A 477 40.35 -17.80 38.04
N THR B 7 -24.24 33.74 -34.48
CA THR B 7 -23.04 33.55 -33.67
C THR B 7 -22.46 32.15 -33.86
N ALA B 8 -22.56 31.63 -35.07
CA ALA B 8 -22.08 30.28 -35.38
C ALA B 8 -20.57 30.14 -35.17
N VAL B 9 -20.17 29.03 -34.55
CA VAL B 9 -18.75 28.80 -34.27
C VAL B 9 -18.34 27.33 -34.46
N LEU B 10 -17.12 27.14 -34.95
CA LEU B 10 -16.52 25.82 -35.18
C LEU B 10 -15.01 26.05 -35.23
N LYS B 11 -14.21 25.26 -34.51
CA LYS B 11 -12.77 25.51 -34.56
C LYS B 11 -11.91 24.28 -34.77
N LEU B 12 -10.85 24.45 -35.55
CA LEU B 12 -10.02 23.35 -36.03
C LEU B 12 -8.53 23.57 -35.76
N TYR B 13 -7.84 22.50 -35.43
CA TYR B 13 -6.43 22.56 -35.10
C TYR B 13 -5.58 21.68 -36.02
N VAL B 14 -4.57 22.26 -36.65
CA VAL B 14 -3.75 21.53 -37.62
C VAL B 14 -2.27 21.66 -37.30
N ALA B 15 -1.46 20.80 -37.91
CA ALA B 15 -0.01 20.84 -37.73
C ALA B 15 0.66 21.27 -39.04
N GLY B 16 0.76 22.58 -39.25
CA GLY B 16 1.38 23.10 -40.45
C GLY B 16 0.72 22.55 -41.70
N ASN B 17 1.45 21.69 -42.40
CA ASN B 17 0.88 20.95 -43.51
C ASN B 17 1.36 19.51 -43.51
N THR B 18 1.18 18.83 -42.39
CA THR B 18 1.33 17.38 -42.37
C THR B 18 0.22 16.75 -43.18
N PRO B 19 0.53 15.66 -43.91
CA PRO B 19 -0.41 14.96 -44.78
C PRO B 19 -1.76 14.66 -44.11
N ASN B 20 -1.72 14.06 -42.92
CA ASN B 20 -2.93 13.75 -42.16
C ASN B 20 -3.89 14.96 -42.05
N SER B 21 -3.31 16.15 -42.05
CA SER B 21 -4.04 17.37 -41.71
C SER B 21 -4.55 18.08 -42.96
N VAL B 22 -3.99 17.72 -44.12
CA VAL B 22 -4.53 18.22 -45.37
C VAL B 22 -5.54 17.21 -45.94
N ARG B 23 -5.36 15.93 -45.62
CA ARG B 23 -6.46 14.97 -45.66
C ARG B 23 -7.62 15.57 -44.89
N ALA B 24 -7.35 15.85 -43.62
CA ALA B 24 -8.34 16.40 -42.70
C ALA B 24 -9.00 17.65 -43.28
N LEU B 25 -8.20 18.60 -43.73
CA LEU B 25 -8.74 19.88 -44.21
C LEU B 25 -9.56 19.70 -45.49
N LYS B 26 -9.03 18.94 -46.44
CA LYS B 26 -9.75 18.64 -47.67
C LYS B 26 -11.12 18.04 -47.38
N THR B 27 -11.13 16.93 -46.64
CA THR B 27 -12.36 16.23 -46.34
C THR B 27 -13.31 17.11 -45.53
N LEU B 28 -12.75 18.00 -44.72
CA LEU B 28 -13.58 18.83 -43.84
C LEU B 28 -14.28 19.88 -44.67
N ASN B 29 -13.53 20.66 -45.44
CA ASN B 29 -14.12 21.70 -46.26
C ASN B 29 -15.10 21.09 -47.26
N ASN B 30 -14.80 19.88 -47.72
CA ASN B 30 -15.68 19.22 -48.67
C ASN B 30 -16.97 18.81 -47.98
N ILE B 31 -16.87 18.41 -46.71
CA ILE B 31 -18.06 18.24 -45.88
C ILE B 31 -18.84 19.55 -45.82
N LEU B 32 -18.11 20.64 -45.58
CA LEU B 32 -18.69 21.94 -45.35
C LEU B 32 -19.28 22.51 -46.62
N GLU B 33 -18.95 21.93 -47.76
CA GLU B 33 -19.57 22.34 -49.01
C GLU B 33 -20.01 21.14 -49.84
N LYS B 34 -20.51 20.12 -49.16
CA LYS B 34 -21.34 19.11 -49.80
C LYS B 34 -22.58 18.92 -48.95
N GLU B 35 -22.37 18.75 -47.64
CA GLU B 35 -23.48 18.66 -46.70
C GLU B 35 -24.21 19.98 -46.48
N PHE B 36 -23.65 20.82 -45.62
CA PHE B 36 -24.19 22.16 -45.34
C PHE B 36 -23.16 23.27 -45.50
N LYS B 37 -23.46 24.24 -46.36
CA LYS B 37 -22.57 25.36 -46.65
C LYS B 37 -22.10 26.12 -45.41
N GLY B 38 -23.04 26.40 -44.50
CA GLY B 38 -22.73 27.16 -43.31
C GLY B 38 -23.40 26.63 -42.07
N VAL B 39 -22.85 25.56 -41.51
CA VAL B 39 -23.16 25.13 -40.15
C VAL B 39 -22.58 26.14 -39.17
N TYR B 40 -21.34 26.54 -39.39
CA TYR B 40 -20.55 27.26 -38.41
C TYR B 40 -19.30 27.78 -39.08
N ALA B 41 -18.90 29.02 -38.77
CA ALA B 41 -17.65 29.58 -39.32
C ALA B 41 -16.46 28.72 -38.89
N LEU B 42 -15.27 29.07 -39.33
CA LEU B 42 -14.12 28.21 -39.03
C LEU B 42 -12.90 28.96 -38.55
N LYS B 43 -12.02 28.22 -37.89
CA LYS B 43 -10.74 28.72 -37.44
C LYS B 43 -9.70 27.62 -37.62
N VAL B 44 -8.60 27.92 -38.30
CA VAL B 44 -7.57 26.92 -38.51
C VAL B 44 -6.27 27.41 -37.86
N ILE B 45 -5.59 26.51 -37.15
CA ILE B 45 -4.41 26.90 -36.39
C ILE B 45 -3.17 26.04 -36.64
N ASP B 46 -2.16 26.66 -37.23
CA ASP B 46 -0.85 26.03 -37.40
C ASP B 46 -0.15 26.14 -36.05
N VAL B 47 -0.39 25.17 -35.18
CA VAL B 47 0.09 25.21 -33.80
C VAL B 47 1.61 25.32 -33.65
N LEU B 48 2.34 25.36 -34.76
CA LEU B 48 3.80 25.44 -34.71
C LEU B 48 4.32 26.83 -34.33
N LYS B 49 3.56 27.87 -34.66
CA LYS B 49 4.01 29.24 -34.35
C LYS B 49 2.96 30.03 -33.58
N ASN B 50 1.93 29.35 -33.13
CA ASN B 50 1.04 29.88 -32.09
C ASN B 50 0.38 28.76 -31.27
N PRO B 51 1.21 27.99 -30.53
CA PRO B 51 0.77 26.84 -29.77
C PRO B 51 0.18 27.21 -28.41
N GLN B 52 0.38 28.45 -27.98
CA GLN B 52 -0.12 28.88 -26.68
C GLN B 52 -1.63 28.86 -26.78
N LEU B 53 -2.11 29.02 -28.01
CA LEU B 53 -3.53 28.88 -28.32
C LEU B 53 -3.93 27.41 -28.20
N ALA B 54 -3.03 26.52 -28.60
CA ALA B 54 -3.26 25.10 -28.48
C ALA B 54 -3.26 24.66 -27.01
N GLU B 55 -2.49 25.38 -26.19
CA GLU B 55 -2.38 25.06 -24.78
C GLU B 55 -3.56 25.63 -24.00
N GLU B 56 -4.08 26.77 -24.45
CA GLU B 56 -5.28 27.33 -23.83
C GLU B 56 -6.43 26.43 -24.21
N ASP B 57 -6.30 25.80 -25.38
CA ASP B 57 -7.21 24.76 -25.83
C ASP B 57 -6.81 23.40 -25.27
N LYS B 58 -5.66 23.36 -24.59
CA LYS B 58 -5.15 22.17 -23.90
C LYS B 58 -5.08 20.91 -24.77
N ILE B 59 -4.92 21.10 -26.07
CA ILE B 59 -4.80 20.00 -27.01
C ILE B 59 -3.53 19.16 -26.80
N LEU B 60 -3.59 17.90 -27.23
CA LEU B 60 -2.48 16.96 -27.08
C LEU B 60 -2.12 16.34 -28.44
N ALA B 61 -3.08 16.35 -29.35
CA ALA B 61 -2.95 15.64 -30.62
C ALA B 61 -3.38 16.50 -31.82
N THR B 62 -2.88 16.15 -33.00
CA THR B 62 -3.29 16.80 -34.25
C THR B 62 -3.69 15.75 -35.28
N PRO B 63 -4.64 16.09 -36.17
CA PRO B 63 -5.44 17.31 -36.25
C PRO B 63 -6.66 17.26 -35.33
N THR B 64 -6.84 18.25 -34.47
CA THR B 64 -7.94 18.17 -33.51
C THR B 64 -9.09 19.10 -33.87
N LEU B 65 -10.26 18.52 -34.15
CA LEU B 65 -11.41 19.31 -34.57
C LEU B 65 -12.41 19.41 -33.43
N ALA B 66 -12.87 20.63 -33.16
CA ALA B 66 -13.67 20.87 -31.97
C ALA B 66 -14.80 21.88 -32.20
N LYS B 67 -15.73 21.89 -31.26
CA LYS B 67 -16.98 22.61 -31.39
C LYS B 67 -17.45 22.94 -29.98
N VAL B 68 -18.07 24.10 -29.77
CA VAL B 68 -18.46 24.51 -28.42
C VAL B 68 -19.96 24.79 -28.28
N LEU B 69 -20.46 25.80 -28.99
CA LEU B 69 -21.90 26.09 -29.02
C LEU B 69 -22.34 26.30 -30.46
N PRO B 70 -23.52 25.76 -30.84
CA PRO B 70 -24.53 24.99 -30.10
C PRO B 70 -24.08 23.65 -29.50
N PRO B 71 -24.81 23.18 -28.45
CA PRO B 71 -24.52 21.98 -27.66
C PRO B 71 -24.13 20.74 -28.47
N PRO B 72 -23.29 19.88 -27.87
CA PRO B 72 -22.63 20.13 -26.59
C PRO B 72 -21.21 20.67 -26.80
N VAL B 73 -20.46 20.83 -25.71
CA VAL B 73 -19.05 21.16 -25.87
C VAL B 73 -18.34 19.87 -26.22
N ARG B 74 -17.61 19.88 -27.32
CA ARG B 74 -17.12 18.64 -27.91
C ARG B 74 -15.81 18.81 -28.66
N ARG B 75 -15.10 17.70 -28.80
CA ARG B 75 -13.80 17.68 -29.45
C ARG B 75 -13.46 16.26 -29.87
N ILE B 76 -13.15 16.11 -31.16
CA ILE B 76 -12.84 14.81 -31.75
C ILE B 76 -11.53 14.99 -32.50
N ILE B 77 -10.67 13.97 -32.50
CA ILE B 77 -9.40 14.10 -33.21
C ILE B 77 -9.23 13.17 -34.39
N GLY B 78 -8.27 13.53 -35.22
CA GLY B 78 -7.73 12.60 -36.18
C GLY B 78 -7.65 13.13 -37.59
N ASP B 79 -7.30 12.20 -38.47
CA ASP B 79 -7.26 12.40 -39.90
C ASP B 79 -8.60 12.90 -40.43
N LEU B 80 -9.68 12.49 -39.76
CA LEU B 80 -11.04 12.71 -40.22
C LEU B 80 -11.24 11.95 -41.53
N SER B 81 -10.58 10.80 -41.60
CA SER B 81 -10.72 9.87 -42.71
C SER B 81 -12.01 9.07 -42.58
N ASN B 82 -12.30 8.59 -41.37
CA ASN B 82 -13.52 7.83 -41.14
C ASN B 82 -14.72 8.75 -41.32
N ARG B 83 -15.13 8.91 -42.58
CA ARG B 83 -16.19 9.85 -42.92
C ARG B 83 -17.51 9.51 -42.24
N GLU B 84 -17.73 8.22 -41.99
CA GLU B 84 -18.99 7.77 -41.41
C GLU B 84 -19.23 8.35 -40.02
N LYS B 85 -18.25 8.21 -39.15
CA LYS B 85 -18.38 8.62 -37.75
C LYS B 85 -18.36 10.13 -37.55
N VAL B 86 -17.59 10.83 -38.39
CA VAL B 86 -17.50 12.29 -38.30
C VAL B 86 -18.75 12.93 -38.92
N LEU B 87 -19.24 12.36 -40.02
CA LEU B 87 -20.50 12.85 -40.59
C LEU B 87 -21.66 12.37 -39.73
N ALA B 88 -21.33 11.50 -38.79
CA ALA B 88 -22.23 11.12 -37.70
C ALA B 88 -21.96 12.00 -36.49
N GLY B 89 -20.85 12.73 -36.53
CA GLY B 89 -20.45 13.55 -35.41
C GLY B 89 -20.61 15.02 -35.74
N LEU B 90 -21.59 15.29 -36.59
CA LEU B 90 -21.93 16.64 -37.02
C LEU B 90 -23.13 17.04 -36.18
N ASP B 91 -24.31 16.90 -36.79
CA ASP B 91 -25.60 16.99 -36.11
C ASP B 91 -25.86 18.33 -35.44
N LEU B 92 -27.06 18.41 -34.86
CA LEU B 92 -27.48 19.51 -34.00
C LEU B 92 -28.90 19.23 -33.52
N LEU B 93 -29.87 19.68 -34.33
CA LEU B 93 -31.30 19.62 -34.03
C LEU B 93 -31.61 20.53 -32.84
N ALA B 94 -30.85 20.38 -31.76
CA ALA B 94 -30.97 21.24 -30.60
C ALA B 94 -29.64 21.29 -29.84
N VAL C 27 -2.39 15.04 1.44
CA VAL C 27 -3.16 15.86 2.37
C VAL C 27 -4.56 15.26 2.54
N LYS C 28 -5.06 15.29 3.78
CA LYS C 28 -6.29 14.62 4.20
C LYS C 28 -6.29 13.10 3.98
N LYS C 29 -7.17 12.44 4.73
CA LYS C 29 -7.36 11.00 4.69
C LYS C 29 -8.63 10.73 5.49
N ILE C 30 -9.31 9.61 5.25
CA ILE C 30 -10.51 9.32 6.03
C ILE C 30 -10.50 7.95 6.66
N PRO C 31 -10.90 7.89 7.94
CA PRO C 31 -11.00 6.68 8.76
C PRO C 31 -11.91 5.64 8.13
N THR C 32 -11.68 4.39 8.52
CA THR C 32 -12.53 3.28 8.14
C THR C 32 -13.14 2.72 9.41
N MET C 33 -12.35 2.78 10.48
CA MET C 33 -12.71 2.21 11.78
C MET C 33 -13.06 0.73 11.67
N ILE C 34 -12.60 0.08 10.61
CA ILE C 34 -12.65 -1.36 10.60
C ILE C 34 -11.45 -1.86 11.40
N GLU C 35 -11.72 -2.89 12.20
CA GLU C 35 -10.80 -3.43 13.19
C GLU C 35 -9.40 -3.71 12.67
N GLY C 36 -8.51 -2.74 12.85
CA GLY C 36 -7.10 -2.94 12.58
C GLY C 36 -6.59 -2.62 11.19
N PHE C 37 -7.46 -2.12 10.31
CA PHE C 37 -7.00 -1.67 8.99
C PHE C 37 -6.54 -0.22 9.02
N ASP C 38 -7.25 0.60 9.78
CA ASP C 38 -7.10 2.05 9.75
C ASP C 38 -5.65 2.44 10.02
N ASP C 39 -4.98 1.71 10.91
CA ASP C 39 -3.62 2.05 11.32
C ASP C 39 -2.57 1.55 10.32
N ILE C 40 -2.93 0.54 9.53
CA ILE C 40 -2.08 0.07 8.45
C ILE C 40 -1.99 1.17 7.39
N SER C 41 -3.11 1.83 7.13
CA SER C 41 -3.13 2.93 6.18
C SER C 41 -2.69 4.23 6.84
N HIS C 42 -2.29 4.15 8.12
CA HIS C 42 -1.78 5.32 8.84
C HIS C 42 -2.80 6.44 8.98
N GLY C 43 -4.08 6.06 8.91
CA GLY C 43 -5.17 7.02 9.03
C GLY C 43 -6.40 6.66 8.22
N GLY C 44 -6.43 5.45 7.68
CA GLY C 44 -7.60 4.99 6.95
C GLY C 44 -7.51 5.25 5.45
N LEU C 45 -8.65 5.23 4.76
CA LEU C 45 -8.66 5.42 3.32
C LEU C 45 -8.43 6.89 2.97
N PRO C 46 -7.87 7.16 1.78
CA PRO C 46 -7.73 8.54 1.29
C PRO C 46 -9.08 9.22 1.06
N GLN C 47 -9.09 10.55 1.02
CA GLN C 47 -10.32 11.30 0.78
C GLN C 47 -10.29 12.07 -0.53
N GLY C 48 -11.46 12.16 -1.16
CA GLY C 48 -11.62 12.84 -2.44
C GLY C 48 -10.93 12.11 -3.58
N ARG C 49 -10.47 10.89 -3.30
CA ARG C 49 -9.80 10.08 -4.30
C ARG C 49 -10.36 8.67 -4.29
N THR C 50 -10.37 8.02 -5.45
CA THR C 50 -10.92 6.68 -5.56
C THR C 50 -9.86 5.62 -5.30
N THR C 51 -10.09 4.79 -4.28
CA THR C 51 -9.13 3.77 -3.89
C THR C 51 -9.60 2.41 -4.38
N LEU C 52 -8.71 1.67 -5.04
CA LEU C 52 -9.08 0.38 -5.61
C LEU C 52 -8.72 -0.75 -4.66
N VAL C 53 -9.66 -1.68 -4.50
CA VAL C 53 -9.46 -2.83 -3.62
C VAL C 53 -9.48 -4.09 -4.46
N SER C 54 -8.37 -4.83 -4.50
CA SER C 54 -8.34 -6.02 -5.36
C SER C 54 -7.82 -7.26 -4.65
N GLY C 55 -8.40 -8.41 -5.02
CA GLY C 55 -7.95 -9.70 -4.52
C GLY C 55 -8.50 -10.79 -5.41
N THR C 56 -7.93 -11.98 -5.32
CA THR C 56 -8.46 -13.13 -6.08
C THR C 56 -9.86 -13.47 -5.60
N SER C 57 -10.67 -14.08 -6.46
CA SER C 57 -12.06 -14.36 -6.10
C SER C 57 -12.16 -15.28 -4.90
N GLY C 58 -12.91 -14.84 -3.89
CA GLY C 58 -13.12 -15.63 -2.69
C GLY C 58 -12.31 -15.14 -1.50
N THR C 59 -11.92 -13.87 -1.50
CA THR C 59 -11.10 -13.33 -0.43
C THR C 59 -11.74 -12.17 0.35
N GLY C 60 -13.03 -11.96 0.15
CA GLY C 60 -13.78 -10.99 0.94
C GLY C 60 -13.51 -9.53 0.64
N LYS C 61 -13.38 -9.19 -0.64
CA LYS C 61 -13.29 -7.80 -1.08
C LYS C 61 -14.65 -7.11 -0.88
N THR C 62 -15.68 -7.76 -1.40
CA THR C 62 -17.05 -7.30 -1.26
C THR C 62 -17.35 -6.99 0.20
N LEU C 63 -16.85 -7.86 1.08
CA LEU C 63 -17.04 -7.68 2.51
C LEU C 63 -16.42 -6.38 2.98
N PHE C 64 -15.20 -6.11 2.50
CA PHE C 64 -14.47 -4.92 2.87
C PHE C 64 -15.29 -3.70 2.45
N ALA C 65 -15.86 -3.77 1.25
CA ALA C 65 -16.67 -2.66 0.75
C ALA C 65 -17.97 -2.41 1.55
N VAL C 66 -18.76 -3.46 1.72
CA VAL C 66 -20.03 -3.40 2.46
C VAL C 66 -19.80 -2.81 3.84
N GLN C 67 -18.98 -3.53 4.59
CA GLN C 67 -18.58 -3.16 5.93
C GLN C 67 -17.95 -1.75 6.00
N PHE C 68 -17.22 -1.35 4.96
CA PHE C 68 -16.74 0.03 4.85
C PHE C 68 -17.91 1.01 4.94
N LEU C 69 -18.89 0.85 4.05
CA LEU C 69 -20.02 1.80 4.05
C LEU C 69 -20.87 1.72 5.30
N TYR C 70 -20.89 0.54 5.92
CA TYR C 70 -21.67 0.35 7.14
C TYR C 70 -21.01 1.00 8.33
N ASN C 71 -19.69 0.89 8.38
CA ASN C 71 -18.83 1.64 9.32
C ASN C 71 -19.01 3.16 9.21
N GLY C 72 -18.97 3.65 7.97
CA GLY C 72 -19.19 5.06 7.68
C GLY C 72 -20.53 5.52 8.26
N ILE C 73 -21.59 4.84 7.82
CA ILE C 73 -22.96 5.21 8.21
C ILE C 73 -23.33 4.99 9.68
N THR C 74 -22.78 3.97 10.33
CA THR C 74 -23.15 3.65 11.69
C THR C 74 -22.44 4.56 12.67
N ILE C 75 -21.19 4.93 12.37
CA ILE C 75 -20.45 5.74 13.33
C ILE C 75 -20.63 7.23 13.05
N PHE C 76 -20.53 7.59 11.77
CA PHE C 76 -20.48 8.99 11.41
C PHE C 76 -21.84 9.53 10.96
N ASN C 77 -22.80 8.63 10.80
CA ASN C 77 -24.01 8.91 10.02
C ASN C 77 -23.59 9.54 8.71
N GLU C 78 -22.59 8.93 8.07
CA GLU C 78 -22.14 9.30 6.74
C GLU C 78 -22.73 8.36 5.70
N PRO C 79 -23.87 8.75 5.11
CA PRO C 79 -24.66 7.92 4.20
C PRO C 79 -23.81 7.33 3.07
N GLY C 80 -24.17 6.14 2.61
CA GLY C 80 -23.38 5.45 1.61
C GLY C 80 -24.17 4.92 0.43
N ILE C 81 -23.48 4.80 -0.70
CA ILE C 81 -24.03 4.21 -1.89
C ILE C 81 -23.22 2.97 -2.24
N PHE C 82 -23.86 1.81 -2.19
CA PHE C 82 -23.19 0.56 -2.51
C PHE C 82 -23.61 0.04 -3.88
N VAL C 83 -22.70 0.09 -4.84
CA VAL C 83 -23.01 -0.35 -6.19
C VAL C 83 -22.65 -1.82 -6.32
N THR C 84 -23.61 -2.65 -6.72
CA THR C 84 -23.34 -4.08 -6.82
C THR C 84 -23.76 -4.71 -8.17
N PHE C 85 -22.79 -5.32 -8.84
CA PHE C 85 -23.07 -6.09 -10.06
C PHE C 85 -23.19 -7.59 -9.76
N GLU C 86 -22.11 -8.16 -9.21
CA GLU C 86 -22.03 -9.59 -8.93
C GLU C 86 -23.13 -10.07 -8.00
N GLU C 87 -23.29 -9.37 -6.89
CA GLU C 87 -24.17 -9.85 -5.83
C GLU C 87 -25.60 -9.37 -6.08
N SER C 88 -26.55 -10.05 -5.46
CA SER C 88 -27.95 -9.64 -5.50
C SER C 88 -28.28 -8.87 -4.24
N PRO C 89 -28.98 -7.74 -4.38
CA PRO C 89 -29.29 -6.86 -3.24
C PRO C 89 -29.83 -7.61 -2.03
N GLN C 90 -30.98 -8.26 -2.18
CA GLN C 90 -31.59 -9.03 -1.09
C GLN C 90 -30.61 -10.06 -0.56
N ASP C 91 -29.77 -10.59 -1.46
CA ASP C 91 -28.78 -11.59 -1.07
C ASP C 91 -27.58 -10.92 -0.39
N ILE C 92 -27.40 -9.61 -0.57
CA ILE C 92 -26.36 -8.87 0.14
C ILE C 92 -26.86 -8.56 1.55
N ILE C 93 -28.16 -8.38 1.69
CA ILE C 93 -28.72 -8.19 3.03
C ILE C 93 -28.75 -9.53 3.77
N LYS C 94 -29.08 -10.62 3.09
CA LYS C 94 -29.05 -11.93 3.75
C LYS C 94 -27.61 -12.32 4.04
N ASN C 95 -26.69 -11.78 3.23
CA ASN C 95 -25.27 -11.73 3.58
C ASN C 95 -25.12 -11.08 4.95
N ALA C 96 -25.45 -9.79 5.01
CA ALA C 96 -25.13 -8.96 6.16
C ALA C 96 -25.80 -9.40 7.46
N LEU C 97 -26.92 -10.11 7.38
CA LEU C 97 -27.62 -10.55 8.58
C LEU C 97 -26.78 -11.58 9.35
N SER C 98 -25.73 -12.06 8.70
CA SER C 98 -24.79 -12.97 9.35
C SER C 98 -24.01 -12.21 10.38
N PHE C 99 -23.78 -10.92 10.11
CA PHE C 99 -23.00 -10.08 11.00
C PHE C 99 -23.93 -9.44 12.01
N GLY C 100 -25.22 -9.72 11.84
CA GLY C 100 -26.24 -9.18 12.72
C GLY C 100 -26.57 -7.74 12.42
N TRP C 101 -26.54 -7.36 11.14
CA TRP C 101 -26.90 -6.00 10.81
C TRP C 101 -28.03 -5.82 9.81
N ASN C 102 -28.97 -4.99 10.22
CA ASN C 102 -30.17 -4.74 9.45
C ASN C 102 -29.99 -3.49 8.62
N LEU C 103 -29.99 -3.70 7.31
CA LEU C 103 -29.62 -2.67 6.36
C LEU C 103 -30.91 -2.12 5.81
N GLN C 104 -31.87 -3.01 5.60
CA GLN C 104 -33.15 -2.61 5.02
C GLN C 104 -33.77 -1.56 5.96
N SER C 105 -33.54 -1.72 7.25
CA SER C 105 -33.95 -0.73 8.24
C SER C 105 -33.15 0.55 8.06
N LEU C 106 -31.87 0.38 7.74
CA LEU C 106 -30.96 1.49 7.42
C LEU C 106 -31.30 2.15 6.08
N ILE C 107 -31.83 1.38 5.12
CA ILE C 107 -32.21 1.98 3.85
C ILE C 107 -33.49 2.81 4.02
N ASP C 108 -34.47 2.24 4.72
CA ASP C 108 -35.68 2.97 5.11
C ASP C 108 -35.38 4.12 6.07
N GLN C 109 -34.24 4.04 6.74
CA GLN C 109 -33.82 5.13 7.61
C GLN C 109 -33.42 6.29 6.72
N GLY C 110 -33.25 5.99 5.43
CA GLY C 110 -32.90 6.97 4.42
C GLY C 110 -31.41 7.21 4.43
N LYS C 111 -30.68 6.27 5.03
CA LYS C 111 -29.23 6.38 5.12
C LYS C 111 -28.43 5.70 4.00
N LEU C 112 -28.40 4.37 3.95
CA LEU C 112 -27.60 3.69 2.92
C LEU C 112 -28.50 3.26 1.77
N PHE C 113 -27.97 3.31 0.54
CA PHE C 113 -28.70 2.77 -0.61
C PHE C 113 -27.87 1.72 -1.35
N ILE C 114 -28.43 0.54 -1.53
CA ILE C 114 -27.77 -0.50 -2.31
C ILE C 114 -28.23 -0.39 -3.77
N LEU C 115 -27.38 0.19 -4.60
CA LEU C 115 -27.63 0.28 -6.03
C LEU C 115 -27.49 -1.07 -6.74
N ASP C 116 -28.60 -1.50 -7.34
CA ASP C 116 -28.65 -2.74 -8.09
C ASP C 116 -28.16 -2.50 -9.52
N ALA C 117 -26.95 -2.96 -9.80
CA ALA C 117 -26.42 -2.91 -11.15
C ALA C 117 -26.13 -4.32 -11.62
N SER C 118 -26.77 -5.26 -10.95
CA SER C 118 -26.68 -6.67 -11.33
C SER C 118 -27.21 -6.87 -12.74
N PRO C 119 -26.58 -7.76 -13.51
CA PRO C 119 -27.05 -7.97 -14.88
C PRO C 119 -28.43 -8.62 -14.87
N ASP C 120 -29.33 -8.13 -15.72
CA ASP C 120 -30.58 -8.84 -15.97
C ASP C 120 -30.26 -10.25 -16.47
N PRO C 121 -30.71 -11.27 -15.70
CA PRO C 121 -30.44 -12.68 -15.99
C PRO C 121 -30.76 -13.05 -17.43
N ASP C 122 -31.70 -12.32 -18.01
CA ASP C 122 -32.09 -12.49 -19.40
C ASP C 122 -30.91 -12.11 -20.31
N GLY C 123 -29.91 -11.45 -19.74
CA GLY C 123 -28.70 -11.19 -20.49
C GLY C 123 -28.84 -10.01 -21.42
N GLN C 124 -27.82 -9.78 -22.22
CA GLN C 124 -27.83 -8.67 -23.16
C GLN C 124 -27.62 -9.05 -24.62
N GLU C 125 -28.25 -8.30 -25.50
CA GLU C 125 -27.95 -8.34 -26.93
C GLU C 125 -27.35 -7.00 -27.29
N VAL C 126 -26.52 -6.96 -28.33
CA VAL C 126 -25.77 -5.75 -28.65
C VAL C 126 -25.94 -5.38 -30.12
N ALA C 127 -26.18 -4.09 -30.40
CA ALA C 127 -26.32 -3.63 -31.77
C ALA C 127 -25.41 -2.44 -32.06
N GLY C 128 -24.49 -2.14 -31.14
CA GLY C 128 -23.62 -1.00 -31.32
C GLY C 128 -22.80 -0.61 -30.10
N ASP C 129 -22.06 0.49 -30.23
CA ASP C 129 -21.18 0.96 -29.16
C ASP C 129 -21.97 1.68 -28.09
N PHE C 130 -21.37 1.85 -26.91
CA PHE C 130 -22.08 2.40 -25.77
C PHE C 130 -21.46 3.70 -25.28
N ASP C 131 -22.31 4.63 -24.83
CA ASP C 131 -21.82 5.65 -23.92
C ASP C 131 -22.45 5.33 -22.56
N LEU C 132 -21.61 4.85 -21.63
CA LEU C 132 -22.11 4.31 -20.37
C LEU C 132 -22.49 5.42 -19.39
N SER C 133 -23.18 6.44 -19.89
CA SER C 133 -23.58 7.58 -19.08
C SER C 133 -24.63 7.17 -18.05
N ALA C 134 -25.53 6.28 -18.44
CA ALA C 134 -26.65 5.85 -17.59
C ALA C 134 -26.24 5.49 -16.16
N LEU C 135 -25.22 4.64 -16.04
CA LEU C 135 -24.79 4.16 -14.72
C LEU C 135 -24.28 5.32 -13.87
N ILE C 136 -23.36 6.09 -14.43
CA ILE C 136 -22.71 7.18 -13.72
C ILE C 136 -23.72 8.25 -13.29
N GLU C 137 -24.63 8.60 -14.18
CA GLU C 137 -25.67 9.56 -13.86
C GLU C 137 -26.56 9.01 -12.75
N ARG C 138 -26.79 7.70 -12.78
CA ARG C 138 -27.55 7.04 -11.71
C ARG C 138 -26.82 7.19 -10.38
N ILE C 139 -25.50 6.97 -10.40
CA ILE C 139 -24.66 7.12 -9.23
C ILE C 139 -24.74 8.53 -8.64
N GLN C 140 -24.59 9.53 -9.50
CA GLN C 140 -24.45 10.89 -9.02
C GLN C 140 -25.81 11.44 -8.61
N TYR C 141 -26.88 10.91 -9.20
CA TYR C 141 -28.21 11.24 -8.73
C TYR C 141 -28.40 10.64 -7.34
N ALA C 142 -27.97 9.39 -7.19
CA ALA C 142 -28.10 8.69 -5.92
C ALA C 142 -27.35 9.42 -4.79
N ILE C 143 -26.13 9.84 -5.09
CA ILE C 143 -25.32 10.56 -4.11
C ILE C 143 -25.92 11.93 -3.81
N ARG C 144 -26.21 12.71 -4.85
CA ARG C 144 -26.67 14.08 -4.67
C ARG C 144 -28.08 14.11 -4.08
N LYS C 145 -28.72 12.95 -4.02
CA LYS C 145 -29.98 12.81 -3.31
C LYS C 145 -29.73 12.41 -1.86
N TYR C 146 -28.82 11.47 -1.66
CA TYR C 146 -28.58 10.96 -0.32
C TYR C 146 -27.45 11.73 0.36
N LYS C 147 -26.89 12.72 -0.35
CA LYS C 147 -25.81 13.55 0.17
C LYS C 147 -24.60 12.69 0.52
N ALA C 148 -24.57 11.47 0.00
CA ALA C 148 -23.66 10.43 0.46
C ALA C 148 -22.21 10.85 0.29
N THR C 149 -21.39 10.44 1.26
CA THR C 149 -19.97 10.73 1.25
C THR C 149 -19.12 9.48 1.09
N ARG C 150 -19.78 8.33 1.04
CA ARG C 150 -19.10 7.05 0.91
C ARG C 150 -19.72 6.22 -0.21
N VAL C 151 -18.89 5.64 -1.06
CA VAL C 151 -19.40 4.81 -2.13
C VAL C 151 -18.53 3.58 -2.32
N SER C 152 -19.16 2.41 -2.38
CA SER C 152 -18.43 1.20 -2.73
C SER C 152 -18.89 0.76 -4.09
N ILE C 153 -18.03 0.06 -4.80
CA ILE C 153 -18.33 -0.40 -6.14
C ILE C 153 -17.79 -1.82 -6.19
N ASP C 154 -18.68 -2.81 -6.19
CA ASP C 154 -18.20 -4.17 -6.09
C ASP C 154 -18.08 -4.79 -7.46
N SER C 155 -16.84 -5.00 -7.86
CA SER C 155 -16.50 -5.79 -9.04
C SER C 155 -16.87 -5.04 -10.30
N VAL C 156 -15.95 -4.19 -10.73
CA VAL C 156 -16.08 -3.50 -12.00
C VAL C 156 -15.83 -4.59 -13.03
N THR C 157 -15.04 -5.59 -12.62
CA THR C 157 -14.70 -6.74 -13.43
C THR C 157 -15.93 -7.43 -13.99
N ALA C 158 -17.05 -7.33 -13.27
CA ALA C 158 -18.30 -7.94 -13.72
C ALA C 158 -18.78 -7.37 -15.04
N VAL C 159 -18.54 -6.08 -15.27
CA VAL C 159 -18.96 -5.48 -16.54
C VAL C 159 -18.08 -6.07 -17.65
N PHE C 160 -16.84 -6.42 -17.29
CA PHE C 160 -15.92 -7.06 -18.21
C PHE C 160 -16.39 -8.49 -18.48
N GLN C 161 -17.12 -9.06 -17.52
CA GLN C 161 -17.67 -10.40 -17.70
C GLN C 161 -19.07 -10.23 -18.24
N GLN C 162 -19.50 -8.99 -18.37
CA GLN C 162 -20.74 -8.66 -19.04
C GLN C 162 -20.50 -8.17 -20.47
N TYR C 163 -19.81 -7.04 -20.57
CA TYR C 163 -19.50 -6.42 -21.86
C TYR C 163 -18.12 -6.79 -22.41
N ASP C 164 -18.11 -7.32 -23.62
CA ASP C 164 -16.90 -7.81 -24.27
C ASP C 164 -16.05 -6.71 -24.90
N ALA C 165 -16.34 -5.46 -24.58
CA ALA C 165 -15.56 -4.34 -25.11
C ALA C 165 -14.64 -3.73 -24.06
N ALA C 166 -13.36 -4.10 -24.11
CA ALA C 166 -12.40 -3.64 -23.12
C ALA C 166 -11.93 -2.23 -23.47
N SER C 167 -12.41 -1.73 -24.59
CA SER C 167 -12.08 -0.39 -25.08
C SER C 167 -12.71 0.72 -24.23
N VAL C 168 -14.03 0.86 -24.32
CA VAL C 168 -14.77 2.00 -23.77
C VAL C 168 -14.77 2.03 -22.23
N VAL C 169 -14.90 0.86 -21.62
CA VAL C 169 -15.00 0.73 -20.16
C VAL C 169 -13.82 1.44 -19.48
N ARG C 170 -12.68 1.49 -20.17
CA ARG C 170 -11.54 2.32 -19.79
C ARG C 170 -12.01 3.74 -19.52
N ARG C 171 -12.60 4.31 -20.57
CA ARG C 171 -13.05 5.69 -20.61
C ARG C 171 -14.10 5.97 -19.55
N GLU C 172 -15.01 5.01 -19.37
CA GLU C 172 -16.17 5.27 -18.53
C GLU C 172 -15.88 5.00 -17.05
N ILE C 173 -14.91 4.14 -16.79
CA ILE C 173 -14.41 3.99 -15.43
C ILE C 173 -13.65 5.24 -15.06
N PHE C 174 -12.82 5.73 -15.99
CA PHE C 174 -12.07 6.95 -15.66
C PHE C 174 -13.00 8.13 -15.41
N ARG C 175 -14.03 8.30 -16.24
CA ARG C 175 -14.90 9.44 -16.03
C ARG C 175 -15.75 9.22 -14.78
N LEU C 176 -16.05 7.96 -14.45
CA LEU C 176 -16.74 7.66 -13.19
C LEU C 176 -15.91 8.12 -11.99
N ALA C 177 -14.72 7.55 -11.85
CA ALA C 177 -13.86 7.85 -10.71
C ALA C 177 -13.57 9.34 -10.62
N PHE C 178 -13.37 9.97 -11.78
CA PHE C 178 -13.12 11.41 -11.82
C PHE C 178 -14.34 12.21 -11.38
N ARG C 179 -15.53 11.77 -11.80
CA ARG C 179 -16.76 12.47 -11.46
C ARG C 179 -16.95 12.42 -9.96
N LEU C 180 -16.70 11.25 -9.40
CA LEU C 180 -16.72 11.04 -7.95
C LEU C 180 -15.75 11.93 -7.18
N LYS C 181 -14.60 12.22 -7.79
CA LYS C 181 -13.64 13.14 -7.18
C LYS C 181 -14.08 14.61 -7.26
N GLN C 182 -14.85 14.93 -8.31
CA GLN C 182 -15.49 16.24 -8.38
C GLN C 182 -16.38 16.28 -7.15
N LEU C 183 -17.24 15.27 -7.01
CA LEU C 183 -18.13 15.20 -5.85
C LEU C 183 -17.34 15.01 -4.55
N GLY C 184 -16.07 14.62 -4.68
CA GLY C 184 -15.17 14.56 -3.55
C GLY C 184 -15.42 13.42 -2.57
N VAL C 185 -16.38 12.55 -2.87
CA VAL C 185 -16.70 11.46 -1.97
C VAL C 185 -15.61 10.38 -2.00
N THR C 186 -15.41 9.70 -0.87
CA THR C 186 -14.50 8.57 -0.83
C THR C 186 -15.14 7.37 -1.50
N THR C 187 -14.40 6.73 -2.39
CA THR C 187 -14.94 5.61 -3.13
C THR C 187 -13.99 4.42 -3.17
N ILE C 188 -14.58 3.25 -3.34
CA ILE C 188 -13.84 1.99 -3.37
C ILE C 188 -14.25 1.21 -4.61
N MET C 189 -13.28 0.58 -5.26
CA MET C 189 -13.57 -0.27 -6.40
C MET C 189 -13.00 -1.65 -6.11
N THR C 190 -13.77 -2.69 -6.39
CA THR C 190 -13.29 -4.05 -6.13
C THR C 190 -13.00 -4.72 -7.47
N THR C 191 -11.92 -5.49 -7.53
CA THR C 191 -11.53 -6.16 -8.76
C THR C 191 -10.88 -7.51 -8.45
N GLU C 192 -10.98 -8.46 -9.38
CA GLU C 192 -10.43 -9.79 -9.17
C GLU C 192 -8.93 -9.81 -9.43
N VAL C 200 -1.87 -16.15 -8.00
CA VAL C 200 -2.61 -15.23 -7.15
C VAL C 200 -1.88 -13.89 -7.01
N ALA C 201 -0.56 -13.96 -6.80
CA ALA C 201 0.25 -12.75 -6.69
C ALA C 201 0.51 -12.19 -8.08
N ARG C 202 -0.47 -11.46 -8.62
CA ARG C 202 -0.39 -10.98 -9.99
C ARG C 202 -0.41 -9.46 -10.09
N PHE C 203 -1.34 -8.93 -10.88
CA PHE C 203 -1.38 -7.50 -11.14
C PHE C 203 -2.76 -6.89 -10.87
N GLY C 204 -3.53 -6.68 -11.94
CA GLY C 204 -4.85 -6.10 -11.80
C GLY C 204 -5.85 -6.50 -12.87
N VAL C 205 -5.47 -7.44 -13.73
CA VAL C 205 -6.29 -7.96 -14.84
C VAL C 205 -7.14 -6.87 -15.54
N GLU C 206 -6.49 -6.21 -16.50
CA GLU C 206 -7.00 -5.02 -17.21
C GLU C 206 -7.98 -4.16 -16.40
N GLU C 207 -7.50 -3.58 -15.30
CA GLU C 207 -8.36 -2.75 -14.48
C GLU C 207 -7.88 -1.31 -14.54
N PHE C 208 -6.76 -1.11 -15.22
CA PHE C 208 -6.10 0.20 -15.36
C PHE C 208 -5.63 0.72 -14.01
N VAL C 209 -4.42 1.27 -13.99
CA VAL C 209 -3.89 1.97 -12.82
C VAL C 209 -4.89 2.95 -12.23
N SER C 210 -4.79 3.15 -10.92
CA SER C 210 -5.56 4.15 -10.20
C SER C 210 -4.62 4.88 -9.25
N ASP C 211 -5.16 5.75 -8.40
CA ASP C 211 -4.32 6.70 -7.70
C ASP C 211 -4.08 6.32 -6.23
N ASN C 212 -4.72 5.24 -5.78
CA ASN C 212 -4.32 4.56 -4.54
C ASN C 212 -4.91 3.16 -4.45
N VAL C 213 -4.07 2.17 -4.13
CA VAL C 213 -4.43 0.77 -4.31
C VAL C 213 -4.10 -0.15 -3.14
N VAL C 214 -5.12 -0.85 -2.63
CA VAL C 214 -4.95 -1.94 -1.69
C VAL C 214 -5.18 -3.30 -2.38
N ILE C 215 -4.21 -4.20 -2.23
CA ILE C 215 -4.35 -5.55 -2.74
C ILE C 215 -4.36 -6.53 -1.58
N LEU C 216 -5.53 -7.08 -1.27
CA LEU C 216 -5.65 -8.01 -0.17
C LEU C 216 -5.56 -9.42 -0.75
N ARG C 217 -4.53 -10.16 -0.36
CA ARG C 217 -4.24 -11.46 -0.96
C ARG C 217 -4.48 -12.63 -0.01
N ASN C 218 -5.02 -13.70 -0.59
CA ASN C 218 -5.27 -14.95 0.11
C ASN C 218 -4.17 -15.93 -0.29
N VAL C 219 -3.37 -16.36 0.67
CA VAL C 219 -2.22 -17.21 0.36
C VAL C 219 -2.50 -18.68 0.64
N LEU C 220 -1.93 -19.55 -0.19
CA LEU C 220 -2.07 -20.99 0.00
C LEU C 220 -0.65 -21.50 0.25
N GLU C 221 -0.39 -21.96 1.46
CA GLU C 221 0.94 -22.46 1.80
C GLU C 221 0.88 -23.81 2.51
N GLY C 222 1.76 -24.73 2.12
CA GLY C 222 1.79 -26.05 2.70
C GLY C 222 0.51 -26.81 2.43
N GLU C 223 -0.40 -26.78 3.42
CA GLU C 223 -1.72 -27.34 3.24
C GLU C 223 -2.66 -26.57 4.18
N ARG C 224 -2.45 -25.26 4.26
CA ARG C 224 -3.41 -24.34 4.87
C ARG C 224 -3.30 -22.99 4.22
N ARG C 225 -4.25 -22.12 4.52
CA ARG C 225 -4.44 -20.90 3.76
C ARG C 225 -4.54 -19.68 4.70
N ARG C 226 -3.72 -18.69 4.40
CA ARG C 226 -3.58 -17.52 5.24
C ARG C 226 -4.02 -16.23 4.54
N ARG C 227 -5.05 -15.59 5.07
CA ARG C 227 -5.53 -14.37 4.45
C ARG C 227 -4.73 -13.20 4.98
N THR C 228 -4.19 -12.43 4.05
CA THR C 228 -3.34 -11.31 4.39
C THR C 228 -3.81 -10.11 3.58
N VAL C 229 -3.56 -8.91 4.10
CA VAL C 229 -3.85 -7.70 3.36
C VAL C 229 -2.52 -7.03 3.03
N GLU C 230 -2.32 -6.75 1.75
CA GLU C 230 -1.16 -5.99 1.34
C GLU C 230 -1.74 -4.65 0.90
N ILE C 231 -1.11 -3.56 1.30
CA ILE C 231 -1.53 -2.26 0.78
C ILE C 231 -0.42 -1.66 -0.09
N LEU C 232 -0.67 -1.59 -1.40
CA LEU C 232 0.38 -1.27 -2.37
C LEU C 232 0.79 0.21 -2.39
N LYS C 233 -0.16 1.11 -2.61
CA LYS C 233 0.19 2.53 -2.57
C LYS C 233 -0.95 3.51 -2.30
N LEU C 234 -0.61 4.57 -1.58
CA LEU C 234 -1.41 5.77 -1.46
C LEU C 234 -0.48 6.92 -1.83
N ARG C 235 -0.74 7.61 -2.93
CA ARG C 235 0.25 8.55 -3.45
C ARG C 235 0.17 9.91 -2.77
N GLY C 236 1.31 10.35 -2.22
CA GLY C 236 1.37 11.58 -1.48
C GLY C 236 0.89 11.43 -0.04
N THR C 237 1.22 10.29 0.57
CA THR C 237 0.71 10.04 1.92
C THR C 237 1.48 9.00 2.74
N THR C 238 1.68 9.32 4.02
CA THR C 238 2.17 8.44 5.08
C THR C 238 1.52 7.04 4.99
N HIS C 239 2.32 5.96 5.06
CA HIS C 239 1.82 4.62 4.73
C HIS C 239 2.60 3.49 5.46
N MET C 240 1.96 2.36 5.76
CA MET C 240 2.68 1.22 6.37
C MET C 240 3.23 0.18 5.38
N LYS C 241 4.36 -0.39 5.76
CA LYS C 241 5.19 -1.26 4.94
C LYS C 241 4.75 -2.72 4.84
N GLY C 242 4.05 -3.12 3.79
CA GLY C 242 3.97 -4.54 3.55
C GLY C 242 2.65 -5.27 3.66
N GLU C 243 2.77 -6.58 3.78
CA GLU C 243 1.65 -7.50 3.88
C GLU C 243 1.42 -7.85 5.34
N TYR C 244 0.15 -7.98 5.74
CA TYR C 244 -0.18 -8.17 7.15
C TYR C 244 -1.32 -9.15 7.31
N PRO C 245 -1.15 -10.17 8.16
CA PRO C 245 -2.13 -11.25 8.21
C PRO C 245 -3.47 -10.82 8.83
N PHE C 246 -4.57 -11.42 8.42
CA PHE C 246 -5.86 -11.08 9.00
C PHE C 246 -6.86 -12.25 9.01
N THR C 247 -7.89 -12.10 9.85
CA THR C 247 -8.99 -13.07 9.91
C THR C 247 -10.32 -12.33 10.01
N ILE C 248 -11.42 -13.08 10.04
CA ILE C 248 -12.74 -12.45 10.04
C ILE C 248 -13.53 -12.69 11.33
N ASN C 249 -14.26 -11.67 11.76
CA ASN C 249 -15.25 -11.79 12.83
C ASN C 249 -16.49 -11.03 12.38
N ASN C 250 -17.17 -10.36 13.30
CA ASN C 250 -18.20 -9.42 12.87
C ASN C 250 -17.52 -8.15 12.36
N GLY C 251 -17.17 -8.17 11.08
CA GLY C 251 -16.22 -7.21 10.55
C GLY C 251 -14.86 -7.85 10.44
N ILE C 252 -14.02 -7.32 9.56
CA ILE C 252 -12.70 -7.88 9.32
C ILE C 252 -11.72 -7.48 10.43
N ASN C 253 -10.94 -8.44 10.91
CA ASN C 253 -9.93 -8.20 11.93
C ASN C 253 -8.54 -8.42 11.35
N ILE C 254 -7.58 -7.61 11.83
CA ILE C 254 -6.25 -7.49 11.24
C ILE C 254 -5.23 -7.46 12.37
N PHE C 255 -3.98 -7.79 12.07
CA PHE C 255 -2.94 -7.73 13.09
C PHE C 255 -1.81 -6.78 12.70
N PRO C 256 -1.89 -5.54 13.20
CA PRO C 256 -0.89 -4.47 13.04
C PRO C 256 0.43 -4.77 13.75
N LEU C 257 0.98 -3.71 14.34
CA LEU C 257 2.13 -3.75 15.24
C LEU C 257 2.37 -2.36 15.83
N GLY C 258 2.13 -2.24 17.13
CA GLY C 258 2.45 -1.03 17.88
C GLY C 258 3.54 -1.15 18.92
N ALA C 259 3.41 -0.33 19.97
CA ALA C 259 4.28 -0.35 21.13
C ALA C 259 5.75 -0.22 20.75
N ASN C 268 4.53 -8.66 49.56
CA ASN C 268 3.99 -9.26 48.33
C ASN C 268 4.42 -8.23 47.30
N VAL C 269 5.45 -8.54 46.52
CA VAL C 269 5.92 -7.53 45.58
C VAL C 269 5.62 -8.04 44.17
N ARG C 270 5.32 -9.34 44.14
CA ARG C 270 4.97 -10.04 42.92
C ARG C 270 4.11 -11.24 43.27
N VAL C 271 2.79 -11.05 43.21
CA VAL C 271 1.85 -12.13 43.50
C VAL C 271 1.87 -13.20 42.41
N SER C 272 2.22 -14.41 42.82
CA SER C 272 2.30 -15.55 41.91
C SER C 272 1.83 -16.81 42.63
N SER C 273 2.15 -17.95 42.05
CA SER C 273 1.76 -19.26 42.58
C SER C 273 1.97 -19.41 44.08
N GLY C 274 3.17 -19.86 44.45
CA GLY C 274 3.51 -20.08 45.83
C GLY C 274 4.40 -21.30 45.90
N VAL C 275 3.90 -22.42 45.37
CA VAL C 275 4.57 -23.74 45.35
C VAL C 275 5.39 -24.06 46.61
N LYS C 276 4.98 -25.12 47.32
CA LYS C 276 5.59 -25.51 48.59
C LYS C 276 7.08 -25.87 48.48
N THR C 277 7.62 -26.43 49.56
CA THR C 277 9.03 -26.81 49.65
C THR C 277 9.89 -25.59 49.41
N LEU C 278 10.16 -25.28 48.14
CA LEU C 278 10.75 -24.00 47.80
C LEU C 278 9.70 -23.08 47.17
N ASP C 279 9.64 -21.86 47.67
CA ASP C 279 8.55 -20.94 47.36
C ASP C 279 9.11 -19.76 46.58
N GLU C 280 9.28 -19.98 45.27
CA GLU C 280 9.69 -18.94 44.32
C GLU C 280 10.99 -18.25 44.70
N MET C 281 12.10 -18.65 44.09
CA MET C 281 13.39 -18.01 44.40
C MET C 281 13.44 -16.65 43.71
N CYS C 282 12.57 -16.48 42.73
CA CYS C 282 12.57 -15.34 41.83
C CYS C 282 12.79 -13.99 42.52
N GLY C 285 8.47 -12.70 43.32
CA GLY C 285 8.10 -13.77 42.40
C GLY C 285 7.97 -13.28 40.98
N PHE C 286 7.38 -14.11 40.12
CA PHE C 286 7.11 -13.73 38.75
C PHE C 286 6.16 -12.53 38.73
N PHE C 287 6.67 -11.37 38.29
CA PHE C 287 5.94 -10.11 38.40
C PHE C 287 4.61 -10.20 37.66
N LYS C 288 3.60 -9.49 38.17
CA LYS C 288 2.27 -9.50 37.59
C LYS C 288 2.26 -9.08 36.11
N ASP C 289 3.24 -8.26 35.74
CA ASP C 289 3.38 -7.79 34.38
C ASP C 289 4.40 -8.61 33.61
N SER C 290 4.85 -9.71 34.22
CA SER C 290 5.84 -10.58 33.61
C SER C 290 5.20 -11.73 32.84
N ILE C 291 6.06 -12.57 32.26
CA ILE C 291 5.64 -13.87 31.74
C ILE C 291 6.75 -14.85 32.13
N ILE C 292 6.38 -16.10 32.36
CA ILE C 292 7.36 -17.09 32.78
C ILE C 292 7.66 -18.01 31.62
N LEU C 293 8.87 -18.56 31.57
CA LEU C 293 9.15 -19.55 30.54
C LEU C 293 9.68 -20.82 31.21
N ALA C 294 8.99 -21.92 30.98
CA ALA C 294 9.48 -23.23 31.39
C ALA C 294 9.82 -24.04 30.15
N THR C 295 11.11 -24.10 29.80
CA THR C 295 11.54 -24.87 28.64
C THR C 295 12.26 -26.13 29.08
N GLY C 296 11.80 -27.28 28.61
CA GLY C 296 12.34 -28.55 29.06
C GLY C 296 12.02 -29.64 28.08
N ALA C 297 12.82 -30.70 28.08
CA ALA C 297 12.54 -31.85 27.22
C ALA C 297 11.21 -32.47 27.65
N THR C 298 10.42 -32.89 26.66
CA THR C 298 9.10 -33.47 26.87
C THR C 298 8.15 -32.59 27.70
N GLY C 299 6.89 -33.00 27.74
CA GLY C 299 5.88 -32.26 28.48
C GLY C 299 5.88 -32.71 29.92
N THR C 300 7.07 -32.90 30.47
CA THR C 300 7.25 -33.43 31.83
C THR C 300 6.64 -32.47 32.86
N GLY C 301 6.27 -31.29 32.39
CA GLY C 301 5.61 -30.29 33.20
C GLY C 301 4.15 -30.60 33.46
N LYS C 302 3.72 -31.84 33.24
CA LYS C 302 2.34 -32.25 33.51
C LYS C 302 1.90 -31.81 34.90
N THR C 303 2.86 -31.76 35.83
CA THR C 303 2.65 -31.23 37.18
C THR C 303 1.89 -29.92 37.10
N LEU C 304 2.20 -29.16 36.06
CA LEU C 304 1.54 -27.93 35.68
C LEU C 304 1.60 -26.91 36.83
N LEU C 305 2.66 -26.12 36.76
CA LEU C 305 3.02 -25.13 37.78
C LEU C 305 1.88 -24.11 37.86
N VAL C 306 1.11 -24.08 36.79
CA VAL C 306 -0.06 -23.22 36.64
C VAL C 306 -1.07 -23.57 37.73
N SER C 307 -0.93 -24.73 38.35
CA SER C 307 -1.87 -25.16 39.38
C SER C 307 -1.96 -24.16 40.53
N LYS C 308 -0.82 -23.71 41.03
CA LYS C 308 -0.87 -22.72 42.09
C LYS C 308 -0.75 -21.30 41.57
N PHE C 309 -0.38 -21.16 40.28
CA PHE C 309 -0.47 -19.89 39.57
C PHE C 309 -1.94 -19.47 39.51
N LEU C 310 -2.79 -20.48 39.43
CA LEU C 310 -4.23 -20.32 39.39
C LEU C 310 -4.75 -20.32 40.82
N GLU C 311 -4.11 -21.11 41.68
CA GLU C 311 -4.56 -21.19 43.06
C GLU C 311 -4.48 -19.83 43.69
N THR C 312 -3.38 -19.10 43.47
CA THR C 312 -3.32 -17.70 43.85
C THR C 312 -4.44 -16.84 43.25
N GLY C 313 -4.76 -17.08 41.98
CA GLY C 313 -5.81 -16.34 41.31
C GLY C 313 -7.10 -16.45 42.07
N CYS C 314 -7.51 -17.68 42.35
CA CYS C 314 -8.70 -17.95 43.14
C CYS C 314 -8.60 -17.48 44.61
N GLN C 315 -7.38 -17.58 45.17
CA GLN C 315 -6.98 -17.14 46.50
C GLN C 315 -7.46 -15.65 46.59
N GLN C 316 -7.04 -14.78 45.66
CA GLN C 316 -7.50 -13.37 45.68
C GLN C 316 -8.96 -13.24 45.23
N GLY C 317 -9.45 -14.31 44.60
CA GLY C 317 -10.83 -14.36 44.15
C GLY C 317 -10.95 -14.07 42.66
N GLU C 318 -9.87 -13.52 42.10
CA GLU C 318 -9.80 -13.24 40.68
C GLU C 318 -9.72 -14.52 39.83
N ARG C 319 -10.14 -14.44 38.58
CA ARG C 319 -10.33 -15.64 37.77
C ARG C 319 -9.08 -15.99 36.98
N GLU C 327 -3.39 -33.53 25.25
CA GLU C 327 -3.68 -32.41 26.13
C GLU C 327 -5.17 -32.24 26.34
N SER C 328 -5.93 -33.33 26.36
CA SER C 328 -7.37 -33.23 26.57
C SER C 328 -7.63 -32.61 27.93
N ARG C 329 -8.24 -31.42 27.91
CA ARG C 329 -8.29 -30.58 29.10
C ARG C 329 -9.42 -31.04 30.02
N ALA C 330 -10.20 -31.99 29.51
CA ALA C 330 -11.09 -32.79 30.34
C ALA C 330 -10.33 -33.89 31.08
N GLN C 331 -9.59 -34.70 30.32
CA GLN C 331 -8.85 -35.82 30.92
C GLN C 331 -7.69 -35.35 31.77
N LEU C 332 -7.08 -34.24 31.37
CA LEU C 332 -6.11 -33.55 32.19
C LEU C 332 -6.73 -32.98 33.47
N SER C 333 -8.07 -32.89 33.51
CA SER C 333 -8.71 -32.39 34.72
C SER C 333 -9.55 -33.46 35.40
N ARG C 334 -9.02 -34.68 35.37
CA ARG C 334 -9.31 -35.73 36.34
C ARG C 334 -7.92 -36.17 36.77
N ASN C 335 -6.95 -35.75 35.95
CA ASN C 335 -5.54 -35.85 36.22
C ASN C 335 -5.05 -34.73 37.12
N ALA C 336 -5.75 -33.60 37.08
CA ALA C 336 -5.44 -32.47 37.96
C ALA C 336 -5.98 -32.72 39.36
N SER C 337 -7.07 -33.47 39.43
CA SER C 337 -7.62 -33.90 40.71
C SER C 337 -6.83 -35.06 41.30
N SER C 338 -5.71 -35.41 40.68
CA SER C 338 -4.83 -36.43 41.24
C SER C 338 -3.90 -35.80 42.26
N TRP C 339 -3.69 -34.49 42.12
CA TRP C 339 -2.85 -33.74 43.05
C TRP C 339 -3.61 -33.28 44.29
N GLY C 340 -4.93 -33.32 44.24
CA GLY C 340 -5.75 -32.89 45.36
C GLY C 340 -6.36 -31.51 45.25
N ILE C 341 -6.17 -30.84 44.11
CA ILE C 341 -6.83 -29.57 43.88
C ILE C 341 -8.32 -29.82 43.70
N ASP C 342 -9.13 -28.77 43.59
CA ASP C 342 -10.58 -28.93 43.64
C ASP C 342 -11.25 -28.42 42.37
N PHE C 343 -11.07 -29.14 41.25
CA PHE C 343 -11.66 -28.70 39.99
C PHE C 343 -13.20 -28.74 39.99
N GLU C 344 -13.80 -29.81 40.51
CA GLU C 344 -15.27 -29.91 40.48
C GLU C 344 -15.91 -28.81 41.30
N GLU C 345 -15.16 -28.30 42.26
CA GLU C 345 -15.56 -27.15 43.07
C GLU C 345 -14.98 -25.84 42.54
N LEU C 346 -13.99 -25.95 41.66
CA LEU C 346 -13.34 -24.79 41.04
C LEU C 346 -14.28 -24.04 40.09
N GLU C 347 -15.40 -24.66 39.76
CA GLU C 347 -16.35 -24.03 38.84
C GLU C 347 -17.61 -23.61 39.59
N ARG C 348 -17.53 -22.46 40.24
CA ARG C 348 -18.69 -21.81 40.82
C ARG C 348 -19.51 -21.12 39.74
N PRO C 359 -5.92 -27.69 17.66
CA PRO C 359 -4.92 -26.71 17.23
C PRO C 359 -4.92 -26.54 15.71
N GLU C 360 -4.72 -27.63 14.99
CA GLU C 360 -4.77 -27.62 13.52
C GLU C 360 -6.14 -27.16 13.06
N SER C 361 -7.14 -27.36 13.92
CA SER C 361 -8.52 -27.01 13.62
C SER C 361 -8.73 -25.52 13.43
N ALA C 362 -7.72 -24.72 13.83
CA ALA C 362 -7.80 -23.28 13.66
C ALA C 362 -6.45 -22.70 13.25
N GLY C 363 -6.50 -21.64 12.45
CA GLY C 363 -5.31 -20.91 12.04
C GLY C 363 -4.70 -20.17 13.21
N LEU C 364 -3.40 -19.90 13.13
CA LEU C 364 -2.67 -19.29 14.25
C LEU C 364 -3.32 -17.99 14.76
N GLU C 365 -3.68 -17.09 13.85
CA GLU C 365 -4.20 -15.80 14.28
C GLU C 365 -5.69 -15.93 14.65
N ASP C 366 -6.24 -17.11 14.42
CA ASP C 366 -7.58 -17.41 14.90
C ASP C 366 -7.48 -17.79 16.37
N HIS C 367 -6.39 -18.47 16.72
CA HIS C 367 -6.07 -18.72 18.11
C HIS C 367 -5.84 -17.39 18.80
N LEU C 368 -5.00 -16.57 18.16
CA LEU C 368 -4.66 -15.25 18.68
C LEU C 368 -5.86 -14.34 18.93
N GLN C 369 -6.78 -14.27 17.98
CA GLN C 369 -7.92 -13.37 18.16
C GLN C 369 -8.97 -14.01 19.09
N ILE C 370 -9.23 -15.31 18.93
CA ILE C 370 -10.17 -16.00 19.83
C ILE C 370 -9.75 -15.76 21.29
N ILE C 371 -8.46 -15.88 21.58
CA ILE C 371 -8.01 -15.72 22.96
C ILE C 371 -7.99 -14.24 23.30
N LYS C 372 -7.78 -13.39 22.29
CA LYS C 372 -7.92 -11.96 22.46
C LYS C 372 -9.28 -11.61 23.06
N SER C 373 -10.33 -12.27 22.57
CA SER C 373 -11.67 -11.92 23.03
C SER C 373 -12.17 -12.84 24.14
N GLU C 374 -11.40 -13.86 24.49
CA GLU C 374 -11.71 -14.56 25.74
C GLU C 374 -11.22 -13.63 26.86
N ILE C 375 -9.95 -13.23 26.77
CA ILE C 375 -9.33 -12.37 27.77
C ILE C 375 -10.04 -11.01 27.78
N ALA C 376 -10.63 -10.65 26.64
CA ALA C 376 -11.47 -9.45 26.62
C ALA C 376 -12.80 -9.71 27.29
N ASP C 377 -13.29 -10.95 27.19
CA ASP C 377 -14.59 -11.30 27.77
C ASP C 377 -14.59 -11.42 29.31
N PHE C 378 -13.51 -11.91 29.88
CA PHE C 378 -13.57 -12.36 31.28
C PHE C 378 -12.57 -11.70 32.23
N LYS C 379 -11.74 -10.81 31.71
CA LYS C 379 -10.65 -10.17 32.45
C LYS C 379 -9.90 -11.10 33.43
N PRO C 380 -9.19 -12.12 32.92
CA PRO C 380 -8.28 -12.95 33.70
C PRO C 380 -7.22 -12.17 34.47
N SER C 381 -6.84 -12.62 35.67
CA SER C 381 -5.59 -12.18 36.26
C SER C 381 -4.39 -12.86 35.62
N ARG C 382 -4.37 -14.19 35.70
CA ARG C 382 -3.22 -14.97 35.26
C ARG C 382 -3.65 -16.28 34.60
N VAL C 383 -3.23 -16.49 33.35
CA VAL C 383 -3.51 -17.75 32.66
C VAL C 383 -2.25 -18.19 31.92
N ALA C 384 -2.25 -19.43 31.44
CA ALA C 384 -1.06 -20.03 30.85
C ALA C 384 -1.38 -20.69 29.52
N ILE C 385 -0.37 -20.87 28.68
CA ILE C 385 -0.60 -21.47 27.38
C ILE C 385 0.03 -22.87 27.35
N ASP C 386 -0.81 -23.84 27.02
CA ASP C 386 -0.43 -25.25 27.02
C ASP C 386 0.27 -25.70 25.74
N SER C 387 1.47 -26.25 25.91
CA SER C 387 2.23 -26.89 24.83
C SER C 387 2.36 -25.97 23.62
N LEU C 388 3.04 -24.84 23.81
CA LEU C 388 3.26 -23.90 22.72
C LEU C 388 4.03 -24.56 21.57
N SER C 389 4.85 -25.57 21.90
CA SER C 389 5.56 -26.37 20.91
C SER C 389 4.60 -26.89 19.84
N ALA C 390 3.40 -27.25 20.28
CA ALA C 390 2.41 -27.83 19.40
C ALA C 390 1.95 -26.78 18.41
N LEU C 391 1.88 -25.54 18.86
CA LEU C 391 1.49 -24.43 18.00
C LEU C 391 2.66 -24.01 17.10
N ALA C 392 3.87 -24.38 17.51
CA ALA C 392 5.06 -24.09 16.72
C ALA C 392 5.19 -25.05 15.54
N ARG C 393 4.50 -26.18 15.63
CA ARG C 393 4.57 -27.22 14.61
C ARG C 393 3.19 -27.73 14.17
N GLY C 394 3.14 -28.44 13.03
CA GLY C 394 1.89 -28.63 12.34
C GLY C 394 1.92 -27.53 11.30
N VAL C 395 3.10 -26.91 11.24
CA VAL C 395 3.38 -25.72 10.44
C VAL C 395 4.78 -25.86 9.85
N SER C 396 5.48 -26.91 10.31
CA SER C 396 6.86 -27.25 9.91
C SER C 396 7.81 -26.24 10.53
N ASN C 397 8.83 -26.74 11.21
CA ASN C 397 9.57 -25.96 12.20
C ASN C 397 10.43 -24.80 11.70
N ASN C 398 10.52 -24.61 10.38
CA ASN C 398 11.25 -23.45 9.86
C ASN C 398 10.34 -22.24 9.65
N ALA C 399 9.02 -22.48 9.59
CA ALA C 399 8.07 -21.39 9.49
C ALA C 399 7.99 -20.64 10.81
N PHE C 400 8.80 -19.60 10.92
CA PHE C 400 9.01 -18.86 12.16
C PHE C 400 7.82 -18.01 12.60
N ARG C 401 7.29 -18.34 13.76
CA ARG C 401 6.14 -17.65 14.32
C ARG C 401 6.53 -16.38 15.07
N GLN C 402 6.46 -15.24 14.40
CA GLN C 402 6.39 -13.95 15.08
C GLN C 402 5.39 -14.06 16.23
N PHE C 403 4.13 -14.32 15.89
CA PHE C 403 3.00 -14.50 16.81
C PHE C 403 3.22 -14.28 18.30
N VAL C 404 4.16 -15.02 18.88
CA VAL C 404 4.34 -15.06 20.33
C VAL C 404 4.78 -13.72 20.88
N ILE C 405 5.50 -12.95 20.06
CA ILE C 405 5.92 -11.61 20.45
C ILE C 405 4.69 -10.70 20.53
N GLY C 406 3.78 -10.87 19.56
CA GLY C 406 2.57 -10.08 19.50
C GLY C 406 1.81 -10.17 20.80
N VAL C 407 1.38 -11.37 21.14
CA VAL C 407 0.64 -11.60 22.38
C VAL C 407 1.49 -11.12 23.55
N THR C 408 2.81 -11.32 23.48
CA THR C 408 3.69 -10.91 24.57
C THR C 408 3.54 -9.41 24.76
N GLY C 409 3.61 -8.67 23.65
CA GLY C 409 3.44 -7.24 23.69
C GLY C 409 2.10 -6.89 24.33
N PHE C 410 1.09 -7.66 23.98
CA PHE C 410 -0.26 -7.42 24.48
C PHE C 410 -0.27 -7.58 25.99
N ALA C 411 0.45 -8.58 26.49
CA ALA C 411 0.51 -8.84 27.92
C ALA C 411 1.04 -7.59 28.62
N LYS C 412 1.97 -6.91 27.96
CA LYS C 412 2.57 -5.69 28.50
C LYS C 412 1.54 -4.58 28.73
N GLN C 413 0.52 -4.51 27.88
CA GLN C 413 -0.47 -3.42 28.00
C GLN C 413 -1.89 -3.93 28.31
N GLU C 414 -2.04 -4.40 29.55
CA GLU C 414 -3.30 -4.41 30.31
C GLU C 414 -3.10 -5.14 31.62
N GLU C 415 -1.84 -5.24 32.05
CA GLU C 415 -1.46 -5.90 33.29
C GLU C 415 -2.08 -7.30 33.41
N ILE C 416 -2.12 -8.01 32.29
CA ILE C 416 -2.56 -9.39 32.27
C ILE C 416 -1.35 -10.30 32.42
N THR C 417 -1.50 -11.34 33.24
CA THR C 417 -0.41 -12.25 33.54
C THR C 417 -0.51 -13.55 32.76
N GLY C 418 0.62 -13.95 32.18
CA GLY C 418 0.64 -15.10 31.31
C GLY C 418 1.79 -16.01 31.70
N PHE C 419 1.57 -17.30 31.50
CA PHE C 419 2.61 -18.29 31.65
C PHE C 419 2.71 -19.02 30.32
N PHE C 420 3.83 -19.63 30.05
CA PHE C 420 4.00 -20.30 28.76
C PHE C 420 4.69 -21.65 28.90
N THR C 421 4.01 -22.69 28.42
CA THR C 421 4.59 -24.03 28.41
C THR C 421 5.20 -24.28 27.03
N ASN C 422 6.33 -24.98 27.02
CA ASN C 422 6.88 -25.48 25.78
C ASN C 422 7.83 -26.65 26.01
N THR C 423 7.90 -27.55 25.04
CA THR C 423 8.66 -28.77 25.18
C THR C 423 9.93 -28.55 24.37
N THR C 424 11.07 -28.97 24.88
CA THR C 424 12.33 -28.76 24.16
C THR C 424 12.70 -30.06 23.44
N ASP C 425 13.77 -30.01 22.65
CA ASP C 425 14.10 -31.11 21.75
C ASP C 425 14.73 -32.33 22.44
N GLN C 426 16.06 -32.49 22.33
CA GLN C 426 16.74 -33.66 22.86
C GLN C 426 16.77 -33.70 24.39
N PHE C 427 17.95 -33.74 24.96
CA PHE C 427 18.05 -33.90 26.41
C PHE C 427 19.22 -33.13 27.02
N MET C 428 20.25 -33.86 27.42
CA MET C 428 21.40 -33.32 28.14
C MET C 428 22.23 -32.30 27.36
N GLY C 429 22.74 -31.31 28.09
CA GLY C 429 23.77 -30.41 27.61
C GLY C 429 23.62 -29.83 26.21
N SER C 430 22.39 -29.46 25.87
CA SER C 430 22.14 -28.78 24.61
C SER C 430 22.45 -27.30 24.75
N ASN C 431 23.51 -26.84 24.10
CA ASN C 431 23.83 -25.42 24.05
C ASN C 431 22.69 -24.68 23.39
N SER C 432 22.03 -25.35 22.46
CA SER C 432 20.76 -24.87 21.90
C SER C 432 19.73 -24.80 23.03
N ILE C 433 19.03 -23.67 23.12
CA ILE C 433 18.11 -23.45 24.23
C ILE C 433 16.71 -23.98 23.93
N THR C 434 16.08 -23.43 22.90
CA THR C 434 14.74 -23.80 22.49
C THR C 434 14.73 -24.10 20.98
N GLU C 435 13.89 -25.05 20.56
CA GLU C 435 13.81 -25.50 19.16
C GLU C 435 13.91 -24.42 18.07
N SER C 436 12.83 -23.68 17.82
CA SER C 436 12.89 -22.55 16.91
C SER C 436 13.37 -21.33 17.68
N HIS C 437 13.47 -21.53 18.99
CA HIS C 437 14.25 -20.68 19.89
C HIS C 437 13.55 -19.41 20.33
N ILE C 438 13.09 -19.40 21.56
CA ILE C 438 12.49 -18.22 22.14
C ILE C 438 13.58 -17.64 23.05
N GLU C 439 13.96 -16.39 22.79
CA GLU C 439 15.08 -15.76 23.49
C GLU C 439 14.64 -14.77 24.55
N THR C 440 15.03 -13.51 24.34
CA THR C 440 14.62 -12.38 25.15
C THR C 440 13.09 -12.19 25.17
N ILE C 441 12.66 -10.94 25.25
CA ILE C 441 11.24 -10.54 25.37
C ILE C 441 10.52 -11.32 26.49
N THR C 442 10.78 -12.62 26.58
CA THR C 442 10.45 -13.41 27.75
C THR C 442 11.11 -12.82 28.98
N ASP C 443 10.30 -12.40 29.94
CA ASP C 443 10.80 -11.92 31.22
C ASP C 443 11.44 -13.07 32.00
N THR C 444 10.59 -13.89 32.61
CA THR C 444 11.03 -14.96 33.47
C THR C 444 11.29 -16.22 32.64
N ILE C 445 12.48 -16.78 32.76
CA ILE C 445 12.83 -18.00 32.04
C ILE C 445 13.36 -19.06 32.99
N LEU C 446 13.26 -20.33 32.59
CA LEU C 446 13.64 -21.45 33.44
C LEU C 446 13.91 -22.72 32.63
N LEU C 447 14.63 -23.65 33.21
CA LEU C 447 14.92 -24.92 32.55
C LEU C 447 14.09 -26.06 33.14
N LEU C 448 14.44 -27.29 32.74
CA LEU C 448 13.73 -28.49 33.19
C LEU C 448 14.59 -29.68 32.75
N GLN C 449 14.03 -30.89 32.79
CA GLN C 449 14.73 -32.07 32.29
C GLN C 449 13.74 -33.19 31.95
N MET C 457 19.54 -41.08 36.70
CA MET C 457 19.55 -39.63 36.78
C MET C 457 18.13 -39.11 36.89
N SER C 458 17.92 -38.04 37.64
CA SER C 458 16.60 -37.54 37.97
C SER C 458 16.15 -36.36 37.12
N ARG C 459 14.94 -35.89 37.38
CA ARG C 459 14.42 -34.68 36.74
C ARG C 459 15.24 -33.51 37.31
N ALA C 460 15.44 -32.47 36.52
CA ALA C 460 16.32 -31.38 36.94
C ALA C 460 15.85 -29.99 36.55
N ILE C 461 15.25 -29.32 37.54
CA ILE C 461 14.89 -27.91 37.48
C ILE C 461 16.13 -27.03 37.54
N ASN C 462 16.17 -25.98 36.72
CA ASN C 462 17.13 -24.89 36.97
C ASN C 462 16.67 -23.55 36.41
N VAL C 463 17.27 -22.47 36.90
CA VAL C 463 16.91 -21.13 36.47
C VAL C 463 17.93 -20.81 35.37
N PHE C 464 17.54 -20.08 34.33
CA PHE C 464 18.52 -19.67 33.33
C PHE C 464 19.29 -18.38 33.65
N LYS C 465 18.73 -17.24 33.25
CA LYS C 465 19.41 -15.96 33.42
C LYS C 465 18.45 -14.76 33.41
N MET C 466 18.46 -14.00 34.49
CA MET C 466 17.68 -12.78 34.62
C MET C 466 18.44 -11.79 35.48
N ARG C 467 18.24 -10.50 35.23
CA ARG C 467 18.72 -9.49 36.15
C ARG C 467 17.73 -8.33 36.17
N GLY C 468 16.45 -8.70 36.07
CA GLY C 468 15.36 -7.81 36.40
C GLY C 468 15.11 -8.13 37.86
N SER C 469 15.87 -9.10 38.33
CA SER C 469 15.96 -9.49 39.74
C SER C 469 17.16 -10.41 39.87
N TRP C 470 17.50 -10.79 41.09
CA TRP C 470 18.63 -11.70 41.28
C TRP C 470 18.34 -12.60 42.45
N HIS C 471 18.99 -13.76 42.48
CA HIS C 471 18.67 -14.79 43.46
C HIS C 471 19.69 -15.92 43.46
N ASP C 472 19.20 -17.13 43.68
CA ASP C 472 20.04 -18.31 43.62
C ASP C 472 19.99 -18.94 42.24
N LYS C 473 21.16 -19.22 41.69
CA LYS C 473 21.25 -19.90 40.42
C LYS C 473 21.05 -21.36 40.78
N GLY C 474 19.99 -21.96 40.25
CA GLY C 474 19.59 -23.28 40.73
C GLY C 474 20.53 -24.40 40.39
N ILE C 475 20.55 -25.40 41.27
CA ILE C 475 21.39 -26.59 41.15
C ILE C 475 22.82 -26.28 40.73
N LYS D 6 -50.65 -6.64 -31.15
CA LYS D 6 -51.51 -5.49 -30.91
C LYS D 6 -51.04 -4.68 -29.71
N THR D 7 -51.21 -3.36 -29.79
CA THR D 7 -50.79 -2.45 -28.72
C THR D 7 -49.32 -2.63 -28.38
N ALA D 8 -48.52 -2.89 -29.42
CA ALA D 8 -47.08 -3.14 -29.26
C ALA D 8 -46.40 -1.95 -28.58
N VAL D 9 -45.42 -2.24 -27.73
CA VAL D 9 -44.73 -1.20 -26.95
C VAL D 9 -43.20 -1.39 -27.02
N LEU D 10 -42.49 -0.26 -27.00
CA LEU D 10 -41.04 -0.18 -27.13
C LEU D 10 -40.62 1.15 -26.46
N LYS D 11 -39.65 1.16 -25.55
CA LYS D 11 -39.27 2.45 -24.96
C LYS D 11 -37.75 2.61 -24.83
N LEU D 12 -37.27 3.85 -24.98
CA LEU D 12 -35.85 4.08 -25.19
C LEU D 12 -35.20 4.99 -24.15
N TYR D 13 -33.94 4.68 -23.85
CA TYR D 13 -33.14 5.44 -22.91
C TYR D 13 -31.95 6.03 -23.65
N VAL D 14 -31.81 7.34 -23.54
CA VAL D 14 -30.80 8.07 -24.28
C VAL D 14 -30.01 8.96 -23.32
N ALA D 15 -28.85 9.44 -23.74
CA ALA D 15 -28.08 10.34 -22.91
C ALA D 15 -28.06 11.73 -23.53
N GLY D 16 -29.10 12.51 -23.26
CA GLY D 16 -29.17 13.87 -23.78
C GLY D 16 -29.02 13.97 -25.29
N ASN D 17 -27.87 14.52 -25.70
CA ASN D 17 -27.51 14.58 -27.10
C ASN D 17 -26.01 14.25 -27.22
N THR D 18 -25.63 13.11 -26.66
CA THR D 18 -24.34 12.49 -26.96
C THR D 18 -24.34 11.96 -28.38
N PRO D 19 -23.19 12.06 -29.08
CA PRO D 19 -23.07 11.62 -30.48
C PRO D 19 -23.61 10.22 -30.77
N ASN D 20 -23.12 9.20 -30.05
CA ASN D 20 -23.55 7.82 -30.23
C ASN D 20 -25.08 7.66 -30.22
N SER D 21 -25.74 8.52 -29.47
CA SER D 21 -27.14 8.31 -29.14
C SER D 21 -28.13 9.04 -30.03
N VAL D 22 -27.66 10.07 -30.74
CA VAL D 22 -28.46 10.67 -31.80
C VAL D 22 -28.08 10.07 -33.14
N ARG D 23 -26.86 9.53 -33.22
CA ARG D 23 -26.60 8.47 -34.20
C ARG D 23 -27.74 7.49 -34.07
N ALA D 24 -27.86 6.94 -32.87
CA ALA D 24 -28.87 5.94 -32.55
C ALA D 24 -30.29 6.39 -32.90
N LEU D 25 -30.68 7.58 -32.43
CA LEU D 25 -32.06 8.03 -32.64
C LEU D 25 -32.37 8.32 -34.12
N LYS D 26 -31.46 9.04 -34.78
CA LYS D 26 -31.59 9.30 -36.22
C LYS D 26 -31.80 8.01 -36.97
N THR D 27 -30.89 7.07 -36.78
CA THR D 27 -30.96 5.80 -37.49
C THR D 27 -32.22 5.04 -37.12
N LEU D 28 -32.71 5.25 -35.91
CA LEU D 28 -33.85 4.52 -35.37
C LEU D 28 -35.22 4.96 -35.90
N ASN D 29 -35.51 6.26 -35.82
CA ASN D 29 -36.84 6.75 -36.20
C ASN D 29 -37.21 6.35 -37.63
N ASN D 30 -36.22 6.35 -38.51
CA ASN D 30 -36.45 5.98 -39.90
C ASN D 30 -36.71 4.49 -40.02
N ILE D 31 -36.03 3.68 -39.20
CA ILE D 31 -36.33 2.27 -39.11
C ILE D 31 -37.79 2.07 -38.71
N LEU D 32 -38.18 2.76 -37.64
CA LEU D 32 -39.49 2.55 -37.04
C LEU D 32 -40.64 3.13 -37.87
N GLU D 33 -40.35 4.01 -38.81
CA GLU D 33 -41.41 4.50 -39.71
C GLU D 33 -40.98 4.62 -41.18
N LYS D 34 -40.25 3.63 -41.68
CA LYS D 34 -40.05 3.43 -43.11
C LYS D 34 -40.41 1.98 -43.45
N GLU D 35 -39.99 1.08 -42.58
CA GLU D 35 -40.36 -0.33 -42.70
C GLU D 35 -41.88 -0.33 -42.60
N PHE D 36 -42.35 -0.08 -41.38
CA PHE D 36 -43.78 0.09 -41.09
C PHE D 36 -44.03 1.47 -40.49
N LYS D 37 -44.90 2.23 -41.13
CA LYS D 37 -45.19 3.60 -40.68
C LYS D 37 -45.61 3.66 -39.22
N GLY D 38 -46.51 2.76 -38.82
CA GLY D 38 -47.00 2.77 -37.47
C GLY D 38 -47.27 1.45 -36.79
N VAL D 39 -46.22 0.79 -36.30
CA VAL D 39 -46.45 -0.24 -35.30
C VAL D 39 -46.85 0.51 -34.04
N TYR D 40 -46.02 1.50 -33.68
CA TYR D 40 -46.08 2.13 -32.37
C TYR D 40 -45.16 3.37 -32.18
N ALA D 41 -45.72 4.41 -31.60
CA ALA D 41 -45.04 5.67 -31.24
C ALA D 41 -43.93 5.46 -30.21
N LEU D 42 -43.29 6.51 -29.72
CA LEU D 42 -42.14 6.30 -28.81
C LEU D 42 -42.05 7.19 -27.56
N LYS D 43 -41.12 6.81 -26.67
CA LYS D 43 -40.73 7.60 -25.51
C LYS D 43 -39.20 7.59 -25.47
N VAL D 44 -38.65 8.78 -25.31
CA VAL D 44 -37.21 8.97 -25.24
C VAL D 44 -36.90 9.54 -23.86
N ILE D 45 -35.81 9.06 -23.25
CA ILE D 45 -35.50 9.43 -21.88
C ILE D 45 -34.11 10.03 -21.80
N ASP D 46 -34.05 11.34 -21.53
CA ASP D 46 -32.79 12.04 -21.35
C ASP D 46 -32.26 11.77 -19.94
N VAL D 47 -31.58 10.65 -19.75
CA VAL D 47 -31.15 10.23 -18.42
C VAL D 47 -30.24 11.23 -17.71
N LEU D 48 -29.85 12.29 -18.42
CA LEU D 48 -28.99 13.32 -17.85
C LEU D 48 -29.75 14.30 -16.93
N LYS D 49 -31.03 14.53 -17.20
CA LYS D 49 -31.80 15.47 -16.38
C LYS D 49 -33.13 14.91 -15.84
N ASN D 50 -33.34 13.60 -15.99
CA ASN D 50 -34.38 12.89 -15.22
C ASN D 50 -33.97 11.42 -15.05
N PRO D 51 -32.89 11.18 -14.30
CA PRO D 51 -32.30 9.84 -14.21
C PRO D 51 -32.97 8.89 -13.22
N GLN D 52 -33.81 9.38 -12.32
CA GLN D 52 -34.43 8.49 -11.34
C GLN D 52 -35.39 7.51 -12.02
N LEU D 53 -35.89 7.89 -13.19
CA LEU D 53 -36.71 6.96 -13.98
C LEU D 53 -35.78 5.86 -14.52
N ALA D 54 -34.56 6.25 -14.88
CA ALA D 54 -33.57 5.29 -15.33
C ALA D 54 -33.18 4.37 -14.19
N GLU D 55 -33.25 4.88 -12.97
CA GLU D 55 -32.88 4.12 -11.78
C GLU D 55 -33.99 3.20 -11.28
N GLU D 56 -35.25 3.62 -11.40
CA GLU D 56 -36.34 2.77 -10.97
C GLU D 56 -36.53 1.63 -11.96
N ASP D 57 -36.19 1.87 -13.23
CA ASP D 57 -36.13 0.81 -14.22
C ASP D 57 -34.78 0.13 -14.15
N LYS D 58 -33.89 0.70 -13.34
CA LYS D 58 -32.56 0.14 -13.06
C LYS D 58 -31.76 -0.17 -14.31
N ILE D 59 -32.05 0.54 -15.41
CA ILE D 59 -31.29 0.35 -16.65
C ILE D 59 -29.85 0.80 -16.37
N LEU D 60 -28.91 0.32 -17.17
CA LEU D 60 -27.50 0.56 -16.87
C LEU D 60 -26.70 1.26 -17.95
N ALA D 61 -27.17 1.21 -19.19
CA ALA D 61 -26.37 1.68 -20.30
C ALA D 61 -27.14 2.59 -21.24
N THR D 62 -26.41 3.39 -22.00
CA THR D 62 -26.99 4.19 -23.07
C THR D 62 -26.20 3.93 -24.34
N PRO D 63 -26.89 3.94 -25.49
CA PRO D 63 -28.35 4.07 -25.60
C PRO D 63 -29.04 2.71 -25.42
N THR D 64 -29.99 2.61 -24.49
CA THR D 64 -30.65 1.33 -24.21
C THR D 64 -32.07 1.28 -24.76
N LEU D 65 -32.29 0.36 -25.70
CA LEU D 65 -33.55 0.27 -26.43
C LEU D 65 -34.50 -0.88 -26.11
N ALA D 66 -35.78 -0.50 -26.00
CA ALA D 66 -36.98 -1.28 -26.35
C ALA D 66 -37.89 -1.56 -25.17
N LYS D 67 -38.71 -2.62 -25.25
CA LYS D 67 -39.71 -2.84 -24.22
C LYS D 67 -40.01 -4.33 -24.25
N VAL D 68 -40.47 -4.85 -23.12
CA VAL D 68 -40.56 -6.27 -22.91
C VAL D 68 -42.01 -6.77 -22.83
N LEU D 69 -42.94 -5.92 -23.24
CA LEU D 69 -44.35 -6.29 -23.39
C LEU D 69 -44.86 -5.80 -24.74
N PRO D 70 -45.63 -6.63 -25.47
CA PRO D 70 -46.06 -8.01 -25.22
C PRO D 70 -44.88 -8.98 -25.11
N PRO D 71 -45.09 -10.17 -24.51
CA PRO D 71 -44.02 -11.15 -24.26
C PRO D 71 -43.05 -11.33 -25.42
N PRO D 72 -41.81 -11.72 -25.11
CA PRO D 72 -41.29 -11.91 -23.75
C PRO D 72 -40.53 -10.72 -23.20
N VAL D 73 -39.99 -10.86 -21.99
CA VAL D 73 -39.09 -9.85 -21.47
C VAL D 73 -37.69 -10.05 -22.07
N ARG D 74 -37.17 -8.99 -22.68
CA ARG D 74 -35.98 -9.06 -23.53
C ARG D 74 -35.21 -7.73 -23.59
N ARG D 75 -34.66 -7.46 -24.80
CA ARG D 75 -34.43 -6.13 -25.41
C ARG D 75 -32.98 -5.64 -25.45
N ILE D 76 -32.72 -4.65 -26.31
CA ILE D 76 -31.41 -4.51 -26.95
C ILE D 76 -30.79 -3.11 -26.83
N ILE D 77 -29.46 -3.05 -26.70
CA ILE D 77 -28.75 -1.78 -26.53
C ILE D 77 -27.82 -1.47 -27.70
N GLY D 78 -27.40 -0.20 -27.84
CA GLY D 78 -26.28 0.14 -28.71
C GLY D 78 -26.41 1.32 -29.66
N ASP D 79 -25.43 1.45 -30.55
CA ASP D 79 -25.41 2.46 -31.62
C ASP D 79 -26.66 2.39 -32.49
N LEU D 80 -27.13 1.17 -32.74
CA LEU D 80 -28.25 0.90 -33.64
C LEU D 80 -27.98 1.35 -35.07
N SER D 81 -26.72 1.29 -35.49
CA SER D 81 -26.38 1.50 -36.89
C SER D 81 -26.67 0.20 -37.63
N ASN D 82 -26.28 -0.89 -36.98
CA ASN D 82 -26.48 -2.24 -37.51
C ASN D 82 -27.96 -2.60 -37.58
N ARG D 83 -28.60 -2.23 -38.68
CA ARG D 83 -30.04 -2.43 -38.86
C ARG D 83 -30.45 -3.90 -38.80
N GLU D 84 -29.54 -4.79 -39.15
CA GLU D 84 -29.85 -6.22 -39.23
C GLU D 84 -30.34 -6.75 -37.88
N LYS D 85 -29.64 -6.41 -36.80
CA LYS D 85 -29.96 -6.97 -35.50
C LYS D 85 -31.27 -6.43 -34.92
N VAL D 86 -31.62 -5.18 -35.23
CA VAL D 86 -32.89 -4.64 -34.74
C VAL D 86 -34.04 -5.20 -35.58
N LEU D 87 -33.84 -5.32 -36.89
CA LEU D 87 -34.86 -5.98 -37.72
C LEU D 87 -34.84 -7.50 -37.53
N ALA D 88 -33.85 -8.01 -36.78
CA ALA D 88 -33.86 -9.39 -36.33
C ALA D 88 -34.51 -9.52 -34.95
N GLY D 89 -34.63 -8.38 -34.26
CA GLY D 89 -35.17 -8.34 -32.91
C GLY D 89 -36.46 -7.56 -32.84
N LEU D 90 -37.29 -7.66 -33.87
CA LEU D 90 -38.50 -6.85 -33.96
C LEU D 90 -39.83 -7.50 -33.52
N ASP D 91 -39.90 -8.83 -33.43
CA ASP D 91 -41.05 -9.52 -32.83
C ASP D 91 -42.33 -9.24 -33.67
N LEU D 92 -43.47 -9.81 -33.27
CA LEU D 92 -44.80 -9.48 -33.82
C LEU D 92 -44.88 -10.14 -35.20
N LEU D 93 -45.98 -9.92 -35.94
CA LEU D 93 -46.27 -10.58 -37.21
C LEU D 93 -46.58 -12.07 -36.99
N ALA D 94 -45.73 -12.72 -36.21
CA ALA D 94 -45.94 -14.11 -35.81
C ALA D 94 -45.29 -14.36 -34.46
#